data_6APZ
#
_entry.id   6APZ
#
_cell.length_a   79.378
_cell.length_b   79.378
_cell.length_c   226.174
_cell.angle_alpha   90.00
_cell.angle_beta   90.00
_cell.angle_gamma   90.00
#
_symmetry.space_group_name_H-M   'P 43 21 2'
#
loop_
_entity.id
_entity.type
_entity.pdbx_description
1 polymer 'Malate synthase G'
2 non-polymer 'MAGNESIUM ION'
3 non-polymer '(2Z)-2-hydroxy-4-(3-hydroxyphenyl)-4-oxobut-2-enoic acid'
4 non-polymer 'NICKEL (II) ION'
5 non-polymer DI(HYDROXYETHYL)ETHER
6 water water
#
_entity_poly.entity_id   1
_entity_poly.type   'polypeptide(L)'
_entity_poly.pdbx_seq_one_letter_code
;MTDRVSVGNLRIARVLYDFVNNEALPGTDIDPDSFWAGVDKVVADLTPQNQALLNARDELQAQIDKWHRRRVIEPIDMDA
YRQFLTEIGYLLPEPDDFTITTSGVDAEITTTAGPQLVVPVLNARFALNAANARWGSLYDALYGTDVIPETDGAEKGPTY
NKVRGDKVIAYARKFLDDSVPLSSGSFGDATGFTVQDGQLVVALPDKSTGLANPGQFAGYTGAAESPTSVLLINHGLHIE
ILIDPESQVGTTDRAGVKDVILESAITTIMDFEDSVAAVDAADKVLGYRNWLGLNKGDLAAAVDKDGTAFLRVLNRDRNY
TAPGGGQFTLPGRSLMFVRNVGHLMTNDAIVDTDGSEVFEGIMDALFTGLIAIHGLKASDVNGPLINSRTGSIYIVKPKM
HGPAEVAFTCELFSRVEDVLGLPQNTMKIGIMDEERRTTVNLKACIKAAADRVVFINTGFLDRTGDEIHTSMEAGPMVRK
GTMKSQPWILAYEDHNVDAGLAAGFSGRAQVGKGMWTMTELMADMVETKIAQPRAGASTAWVPSPTAATLHALHYHQVDV
AAVQQGLAGKRRATIEQLLTIPLAKELAWAPDEIREEVDNNCQSILGYVVRWVDQGVGASKVPDIHDVALMEDRATLRIS
SQLLANWLRHGVITSADVRASLERMAPLVDRQNAGDVAYRPMAPNFDDSIAFLAAQELILSGAQQPNGYTEPILHRRRRE
FKARAAEKPAPSDRAGDDAAR
;
_entity_poly.pdbx_strand_id   A
#
loop_
_chem_comp.id
_chem_comp.type
_chem_comp.name
_chem_comp.formula
BQ4 non-polymer '(2Z)-2-hydroxy-4-(3-hydroxyphenyl)-4-oxobut-2-enoic acid' 'C10 H8 O5'
MG non-polymer 'MAGNESIUM ION' 'Mg 2'
NI non-polymer 'NICKEL (II) ION' 'Ni 2'
PEG non-polymer DI(HYDROXYETHYL)ETHER 'C4 H10 O3'
#
# COMPACT_ATOMS: atom_id res chain seq x y z
N THR A 2 -30.45 15.67 -0.44
CA THR A 2 -29.91 15.03 0.76
C THR A 2 -29.99 15.95 2.00
N ASP A 3 -30.45 15.37 3.11
CA ASP A 3 -30.68 16.13 4.34
C ASP A 3 -29.37 16.42 5.05
N ARG A 4 -29.24 17.66 5.50
CA ARG A 4 -27.97 18.15 6.00
C ARG A 4 -28.18 18.90 7.31
N VAL A 5 -27.10 19.01 8.07
CA VAL A 5 -27.10 19.71 9.35
C VAL A 5 -26.18 20.92 9.22
N SER A 6 -26.69 22.10 9.58
CA SER A 6 -25.93 23.33 9.41
C SER A 6 -25.05 23.55 10.63
N VAL A 7 -23.74 23.57 10.40
CA VAL A 7 -22.77 24.00 11.39
C VAL A 7 -21.99 25.13 10.74
N GLY A 8 -22.19 26.35 11.23
CA GLY A 8 -21.52 27.50 10.66
C GLY A 8 -21.87 27.63 9.19
N ASN A 9 -20.82 27.65 8.36
CA ASN A 9 -21.00 27.72 6.92
C ASN A 9 -21.10 26.35 6.25
N LEU A 10 -21.11 25.24 7.00
CA LEU A 10 -21.15 23.93 6.39
C LEU A 10 -22.52 23.28 6.54
N ARG A 11 -22.87 22.45 5.56
CA ARG A 11 -24.07 21.65 5.60
C ARG A 11 -23.63 20.19 5.54
N ILE A 12 -23.72 19.50 6.67
CA ILE A 12 -23.13 18.18 6.85
C ILE A 12 -24.18 17.12 6.57
N ALA A 13 -23.88 16.19 5.66
CA ALA A 13 -24.80 15.10 5.38
C ALA A 13 -25.16 14.39 6.67
N ARG A 14 -26.47 14.13 6.84
CA ARG A 14 -26.96 13.68 8.14
C ARG A 14 -26.31 12.37 8.55
N VAL A 15 -26.16 11.41 7.62
CA VAL A 15 -25.56 10.13 8.00
C VAL A 15 -24.15 10.33 8.54
N LEU A 16 -23.41 11.32 8.01
CA LEU A 16 -22.08 11.58 8.54
C LEU A 16 -22.14 12.32 9.87
N TYR A 17 -23.05 13.30 10.00
CA TYR A 17 -23.22 14.01 11.26
C TYR A 17 -23.57 13.04 12.40
N ASP A 18 -24.56 12.18 12.17
CA ASP A 18 -24.92 11.18 13.17
C ASP A 18 -23.74 10.28 13.50
N PHE A 19 -23.00 9.84 12.48
CA PHE A 19 -21.92 8.91 12.72
C PHE A 19 -20.86 9.50 13.64
N VAL A 20 -20.47 10.74 13.39
CA VAL A 20 -19.46 11.34 14.25
C VAL A 20 -19.97 11.46 15.68
N ASN A 21 -21.23 11.91 15.84
CA ASN A 21 -21.76 12.22 17.16
C ASN A 21 -22.04 10.97 17.97
N ASN A 22 -22.65 9.96 17.33
CA ASN A 22 -23.10 8.78 18.06
C ASN A 22 -22.04 7.71 18.20
N GLU A 23 -21.08 7.67 17.29
CA GLU A 23 -20.14 6.55 17.24
C GLU A 23 -18.71 7.01 17.40
N ALA A 24 -18.30 8.06 16.68
CA ALA A 24 -16.89 8.42 16.64
C ALA A 24 -16.48 9.29 17.81
N LEU A 25 -17.35 10.14 18.32
CA LEU A 25 -16.95 11.06 19.38
C LEU A 25 -17.03 10.44 20.78
N PRO A 26 -18.07 9.61 21.07
CA PRO A 26 -18.12 8.93 22.38
C PRO A 26 -16.82 8.26 22.78
N GLY A 27 -16.25 8.68 23.89
CA GLY A 27 -15.07 8.05 24.43
C GLY A 27 -13.78 8.81 24.20
N THR A 28 -13.85 9.99 23.57
CA THR A 28 -12.68 10.80 23.27
C THR A 28 -12.51 12.00 24.16
N ASP A 29 -13.52 12.31 25.00
CA ASP A 29 -13.54 13.53 25.80
C ASP A 29 -13.47 14.79 24.94
N ILE A 30 -13.87 14.70 23.67
CA ILE A 30 -13.99 15.88 22.83
C ILE A 30 -15.45 16.28 22.77
N ASP A 31 -15.71 17.56 22.95
CA ASP A 31 -17.06 18.09 23.06
C ASP A 31 -17.66 18.27 21.67
N PRO A 32 -18.77 17.62 21.35
CA PRO A 32 -19.22 17.59 19.95
C PRO A 32 -19.45 18.96 19.33
N ASP A 33 -20.02 19.90 20.07
CA ASP A 33 -20.27 21.22 19.51
C ASP A 33 -18.99 21.91 19.10
N SER A 34 -17.93 21.77 19.90
CA SER A 34 -16.67 22.41 19.57
C SER A 34 -15.82 21.60 18.60
N PHE A 35 -16.06 20.30 18.47
CA PHE A 35 -15.48 19.55 17.36
C PHE A 35 -15.97 20.11 16.04
N TRP A 36 -17.29 20.19 15.88
CA TRP A 36 -17.85 20.68 14.63
C TRP A 36 -17.44 22.10 14.35
N ALA A 37 -17.35 22.93 15.41
CA ALA A 37 -16.83 24.28 15.24
C ALA A 37 -15.41 24.23 14.71
N GLY A 38 -14.62 23.25 15.16
CA GLY A 38 -13.27 23.11 14.64
C GLY A 38 -13.28 22.69 13.19
N VAL A 39 -14.18 21.78 12.83
CA VAL A 39 -14.35 21.38 11.44
C VAL A 39 -14.61 22.62 10.58
N ASP A 40 -15.63 23.38 10.96
CA ASP A 40 -15.97 24.61 10.24
C ASP A 40 -14.76 25.54 10.10
N LYS A 41 -14.00 25.73 11.19
CA LYS A 41 -12.90 26.68 11.20
C LYS A 41 -11.74 26.20 10.33
N VAL A 42 -11.41 24.91 10.41
CA VAL A 42 -10.31 24.38 9.61
C VAL A 42 -10.68 24.43 8.13
N VAL A 43 -11.90 24.03 7.79
CA VAL A 43 -12.34 24.05 6.39
C VAL A 43 -12.21 25.44 5.83
N ALA A 44 -12.67 26.45 6.57
CA ALA A 44 -12.64 27.81 6.06
C ALA A 44 -11.23 28.36 5.99
N ASP A 45 -10.40 28.05 6.99
CA ASP A 45 -9.05 28.60 7.00
C ASP A 45 -8.17 27.95 5.92
N LEU A 46 -8.35 26.65 5.68
CA LEU A 46 -7.40 25.88 4.88
C LEU A 46 -7.86 25.60 3.45
N THR A 47 -9.15 25.73 3.13
CA THR A 47 -9.60 25.50 1.75
C THR A 47 -8.93 26.39 0.70
N PRO A 48 -8.67 27.68 0.95
CA PRO A 48 -8.07 28.52 -0.11
C PRO A 48 -6.71 28.00 -0.60
N GLN A 49 -5.81 27.66 0.31
CA GLN A 49 -4.48 27.24 -0.12
C GLN A 49 -4.51 25.83 -0.73
N ASN A 50 -5.40 24.97 -0.23
CA ASN A 50 -5.67 23.70 -0.90
C ASN A 50 -5.97 23.95 -2.38
N GLN A 51 -6.85 24.92 -2.65
CA GLN A 51 -7.23 25.22 -4.03
C GLN A 51 -6.09 25.89 -4.79
N ALA A 52 -5.35 26.79 -4.14
CA ALA A 52 -4.22 27.40 -4.81
C ALA A 52 -3.19 26.35 -5.25
N LEU A 53 -2.90 25.38 -4.37
CA LEU A 53 -1.94 24.34 -4.71
C LEU A 53 -2.42 23.56 -5.94
N LEU A 54 -3.73 23.24 -5.98
CA LEU A 54 -4.28 22.56 -7.15
C LEU A 54 -4.20 23.40 -8.41
N ASN A 55 -4.31 24.73 -8.28
CA ASN A 55 -4.18 25.60 -9.47
C ASN A 55 -2.72 25.66 -9.93
N ALA A 56 -1.78 25.68 -8.98
CA ALA A 56 -0.37 25.65 -9.33
C ALA A 56 -0.01 24.41 -10.14
N ARG A 57 -0.62 23.27 -9.81
CA ARG A 57 -0.38 22.06 -10.59
C ARG A 57 -0.70 22.30 -12.06
N ASP A 58 -1.96 22.67 -12.33
CA ASP A 58 -2.41 22.95 -13.69
C ASP A 58 -1.54 24.00 -14.38
N GLU A 59 -1.32 25.13 -13.71
CA GLU A 59 -0.49 26.17 -14.29
C GLU A 59 0.90 25.64 -14.65
N LEU A 60 1.45 24.73 -13.84
CA LEU A 60 2.78 24.20 -14.14
C LEU A 60 2.71 23.22 -15.31
N GLN A 61 1.72 22.32 -15.28
CA GLN A 61 1.59 21.34 -16.36
C GLN A 61 1.38 22.02 -17.71
N ALA A 62 0.64 23.13 -17.72
CA ALA A 62 0.34 23.82 -18.98
C ALA A 62 1.57 24.49 -19.56
N GLN A 63 2.43 25.05 -18.69
CA GLN A 63 3.72 25.58 -19.14
C GLN A 63 4.56 24.47 -19.76
N ILE A 64 4.67 23.33 -19.07
CA ILE A 64 5.45 22.21 -19.58
C ILE A 64 4.89 21.71 -20.90
N ASP A 65 3.56 21.54 -20.97
CA ASP A 65 2.89 21.23 -22.22
C ASP A 65 3.36 22.15 -23.35
N LYS A 66 3.18 23.47 -23.17
CA LYS A 66 3.56 24.42 -24.22
C LYS A 66 5.03 24.27 -24.60
N TRP A 67 5.91 24.09 -23.60
CA TRP A 67 7.33 23.96 -23.87
C TRP A 67 7.64 22.79 -24.80
N HIS A 68 7.02 21.63 -24.55
CA HIS A 68 7.27 20.48 -25.42
C HIS A 68 6.77 20.75 -26.83
N ARG A 69 5.66 21.48 -26.95
CA ARG A 69 5.10 21.78 -28.27
C ARG A 69 5.93 22.82 -29.03
N ARG A 70 6.79 23.57 -28.33
CA ARG A 70 7.51 24.69 -28.95
C ARG A 70 8.99 24.42 -29.08
N GLU A 74 15.45 18.83 -31.42
CA GLU A 74 14.36 17.84 -31.46
C GLU A 74 14.66 16.50 -30.78
N PRO A 75 15.95 16.12 -30.62
CA PRO A 75 16.27 15.24 -29.48
C PRO A 75 16.42 16.09 -28.23
N ILE A 76 15.58 15.83 -27.23
CA ILE A 76 15.35 16.73 -26.10
C ILE A 76 16.65 17.13 -25.41
N ASP A 77 16.94 18.43 -25.39
CA ASP A 77 18.14 18.95 -24.73
C ASP A 77 17.91 19.08 -23.23
N MET A 78 18.60 18.27 -22.44
CA MET A 78 18.38 18.21 -21.00
C MET A 78 18.78 19.49 -20.28
N ASP A 79 19.87 20.13 -20.73
CA ASP A 79 20.31 21.34 -20.04
C ASP A 79 19.28 22.45 -20.16
N ALA A 80 18.66 22.59 -21.35
CA ALA A 80 17.62 23.59 -21.51
C ALA A 80 16.38 23.21 -20.72
N TYR A 81 16.06 21.91 -20.69
CA TYR A 81 14.88 21.44 -20.00
C TYR A 81 15.02 21.57 -18.49
N ARG A 82 16.22 21.33 -17.95
CA ARG A 82 16.48 21.61 -16.54
C ARG A 82 16.17 23.04 -16.20
N GLN A 83 16.70 23.97 -17.00
CA GLN A 83 16.67 25.37 -16.61
C GLN A 83 15.27 25.95 -16.76
N PHE A 84 14.53 25.51 -17.78
CA PHE A 84 13.11 25.83 -17.83
C PHE A 84 12.37 25.32 -16.59
N LEU A 85 12.65 24.07 -16.19
CA LEU A 85 11.98 23.50 -15.03
C LEU A 85 12.35 24.25 -13.75
N THR A 86 13.58 24.74 -13.67
CA THR A 86 14.00 25.50 -12.50
C THR A 86 13.34 26.86 -12.49
N GLU A 87 13.19 27.44 -13.68
CA GLU A 87 12.77 28.82 -13.80
C GLU A 87 11.29 28.95 -13.45
N ILE A 88 10.47 28.00 -13.89
CA ILE A 88 9.04 28.04 -13.60
C ILE A 88 8.80 27.53 -12.18
N GLY A 89 9.89 27.25 -11.45
CA GLY A 89 9.81 26.82 -10.07
C GLY A 89 9.37 25.40 -9.86
N TYR A 90 9.31 24.60 -10.92
CA TYR A 90 9.06 23.16 -10.79
C TYR A 90 10.19 22.49 -10.01
N LEU A 91 11.41 22.64 -10.51
CA LEU A 91 12.61 22.11 -9.86
C LEU A 91 13.11 23.15 -8.85
N LEU A 92 13.12 22.78 -7.59
CA LEU A 92 13.47 23.71 -6.54
C LEU A 92 14.83 23.40 -5.94
N PRO A 93 15.48 24.39 -5.35
CA PRO A 93 16.79 24.16 -4.73
C PRO A 93 16.77 23.03 -3.71
N GLU A 94 17.78 22.18 -3.79
CA GLU A 94 17.97 21.13 -2.80
C GLU A 94 18.47 21.74 -1.49
N PRO A 95 17.83 21.46 -0.36
CA PRO A 95 18.26 22.06 0.91
C PRO A 95 19.52 21.39 1.44
N ASP A 96 20.06 22.00 2.48
CA ASP A 96 21.26 21.48 3.10
C ASP A 96 20.93 20.24 3.92
N ASP A 97 21.93 19.39 4.09
CA ASP A 97 21.71 18.11 4.76
C ASP A 97 21.02 18.30 6.10
N PHE A 98 20.30 17.28 6.54
CA PHE A 98 19.57 17.35 7.80
C PHE A 98 19.27 15.93 8.26
N THR A 99 18.69 15.84 9.46
CA THR A 99 18.25 14.58 10.05
C THR A 99 16.84 14.79 10.57
N ILE A 100 15.95 13.83 10.32
CA ILE A 100 14.57 13.95 10.79
C ILE A 100 14.56 13.83 12.29
N THR A 101 13.54 14.42 12.92
CA THR A 101 13.41 14.44 14.38
C THR A 101 12.15 13.76 14.87
N THR A 102 11.36 13.17 13.97
CA THR A 102 10.16 12.44 14.34
C THR A 102 10.40 11.51 15.51
N SER A 103 9.68 11.73 16.61
CA SER A 103 9.84 11.01 17.86
C SER A 103 8.53 10.34 18.26
N GLY A 104 8.60 9.41 19.21
CA GLY A 104 7.39 8.75 19.64
C GLY A 104 6.87 7.73 18.66
N VAL A 105 7.70 7.23 17.79
CA VAL A 105 7.28 6.24 16.81
C VAL A 105 7.58 4.85 17.33
N ASP A 106 6.76 3.90 16.91
CA ASP A 106 6.84 2.54 17.40
C ASP A 106 7.98 1.78 16.74
N ALA A 107 8.40 0.71 17.43
CA ALA A 107 9.50 -0.12 16.93
C ALA A 107 9.19 -0.72 15.57
N GLU A 108 7.92 -1.07 15.31
CA GLU A 108 7.56 -1.69 14.03
C GLU A 108 7.91 -0.81 12.85
N ILE A 109 8.02 0.49 13.06
CA ILE A 109 8.31 1.45 12.02
C ILE A 109 9.76 1.89 12.04
N THR A 110 10.28 2.21 13.24
CA THR A 110 11.63 2.76 13.36
C THR A 110 12.71 1.72 13.10
N THR A 111 12.43 0.44 13.37
CA THR A 111 13.48 -0.54 13.60
C THR A 111 13.29 -1.87 12.88
N THR A 112 12.07 -2.39 12.88
CA THR A 112 11.77 -3.66 12.24
C THR A 112 11.64 -3.47 10.73
N ALA A 113 12.43 -4.22 9.96
CA ALA A 113 12.20 -4.33 8.51
C ALA A 113 11.35 -5.58 8.24
N GLY A 114 10.27 -5.41 7.49
CA GLY A 114 9.39 -6.52 7.19
C GLY A 114 8.25 -6.06 6.29
N PRO A 115 7.41 -6.99 5.84
CA PRO A 115 6.36 -6.63 4.88
C PRO A 115 5.40 -5.59 5.42
N GLN A 116 4.70 -4.92 4.50
CA GLN A 116 3.66 -3.97 4.87
C GLN A 116 2.46 -4.21 3.97
N LEU A 117 1.29 -4.36 4.59
CA LEU A 117 0.07 -4.78 3.92
C LEU A 117 -0.87 -3.59 3.70
N VAL A 118 -1.35 -3.46 2.46
CA VAL A 118 -2.33 -2.46 2.07
C VAL A 118 -3.64 -3.19 1.79
N VAL A 119 -4.72 -2.70 2.37
CA VAL A 119 -6.00 -3.39 2.30
C VAL A 119 -7.11 -2.35 2.23
N PRO A 120 -8.19 -2.57 1.46
CA PRO A 120 -9.25 -1.54 1.37
C PRO A 120 -10.06 -1.50 2.66
N VAL A 121 -10.13 -0.31 3.27
CA VAL A 121 -10.81 -0.18 4.57
C VAL A 121 -12.31 -0.50 4.49
N LEU A 122 -12.92 -0.38 3.31
CA LEU A 122 -14.35 -0.63 3.20
C LEU A 122 -14.72 -2.10 3.29
N ASN A 123 -13.76 -3.01 3.17
CA ASN A 123 -14.01 -4.46 3.26
C ASN A 123 -13.61 -4.93 4.66
N ALA A 124 -14.59 -5.10 5.54
CA ALA A 124 -14.29 -5.37 6.95
C ALA A 124 -13.52 -6.69 7.15
N ARG A 125 -13.87 -7.75 6.40
CA ARG A 125 -13.16 -9.04 6.49
C ARG A 125 -11.71 -8.93 6.06
N PHE A 126 -11.47 -8.31 4.89
CA PHE A 126 -10.11 -8.01 4.48
C PHE A 126 -9.38 -7.22 5.56
N ALA A 127 -9.99 -6.13 6.04
CA ALA A 127 -9.31 -5.31 7.04
C ALA A 127 -9.06 -6.12 8.31
N LEU A 128 -10.02 -6.97 8.70
CA LEU A 128 -9.84 -7.85 9.84
C LEU A 128 -8.68 -8.81 9.64
N ASN A 129 -8.62 -9.46 8.47
CA ASN A 129 -7.53 -10.40 8.21
C ASN A 129 -6.19 -9.69 8.16
N ALA A 130 -6.18 -8.45 7.65
CA ALA A 130 -4.93 -7.73 7.55
C ALA A 130 -4.39 -7.35 8.92
N ALA A 131 -5.26 -6.83 9.80
CA ALA A 131 -4.85 -6.54 11.17
C ALA A 131 -4.37 -7.80 11.89
N ASN A 132 -4.89 -8.96 11.50
CA ASN A 132 -4.48 -10.25 12.04
C ASN A 132 -3.28 -10.87 11.32
N ALA A 133 -2.84 -10.29 10.20
CA ALA A 133 -1.74 -10.84 9.41
C ALA A 133 -0.34 -10.62 10.01
N ARG A 134 -0.23 -10.07 11.23
CA ARG A 134 1.08 -9.98 11.89
C ARG A 134 1.73 -11.34 12.02
N TRP A 135 0.94 -12.39 12.22
CA TRP A 135 1.40 -13.76 12.24
C TRP A 135 0.62 -14.56 11.20
N GLY A 136 1.33 -15.42 10.49
CA GLY A 136 0.71 -16.20 9.44
C GLY A 136 1.41 -17.53 9.33
N SER A 137 0.69 -18.49 8.76
CA SER A 137 1.20 -19.85 8.65
C SER A 137 2.07 -19.96 7.42
N LEU A 138 3.36 -20.30 7.60
CA LEU A 138 4.20 -20.57 6.44
C LEU A 138 3.69 -21.79 5.67
N TYR A 139 3.21 -22.81 6.38
CA TYR A 139 2.77 -24.01 5.67
C TYR A 139 1.62 -23.68 4.74
N ASP A 140 0.60 -22.98 5.27
CA ASP A 140 -0.54 -22.58 4.46
C ASP A 140 -0.10 -21.81 3.24
N ALA A 141 0.88 -20.91 3.41
CA ALA A 141 1.34 -20.06 2.31
C ALA A 141 1.98 -20.89 1.21
N LEU A 142 2.72 -21.95 1.58
CA LEU A 142 3.39 -22.76 0.58
C LEU A 142 2.46 -23.81 -0.02
N TYR A 143 1.61 -24.43 0.81
CA TYR A 143 0.71 -25.45 0.29
C TYR A 143 -0.36 -24.84 -0.63
N GLY A 144 -0.81 -23.63 -0.32
CA GLY A 144 -1.93 -23.08 -1.05
C GLY A 144 -1.58 -22.34 -2.33
N THR A 145 -0.31 -21.99 -2.53
CA THR A 145 0.10 -21.24 -3.72
C THR A 145 1.09 -22.04 -4.53
N ASP A 146 1.60 -21.42 -5.60
CA ASP A 146 2.47 -22.12 -6.54
C ASP A 146 3.96 -22.06 -6.17
N VAL A 147 4.31 -21.57 -4.98
CA VAL A 147 5.70 -21.67 -4.54
C VAL A 147 6.17 -23.11 -4.57
N ILE A 148 5.34 -24.02 -4.05
CA ILE A 148 5.51 -25.46 -4.28
C ILE A 148 4.79 -25.79 -5.58
N PRO A 149 5.50 -26.12 -6.66
CA PRO A 149 4.82 -26.37 -7.93
C PRO A 149 4.01 -27.66 -7.91
N GLU A 150 2.98 -27.69 -8.76
CA GLU A 150 2.11 -28.87 -8.88
C GLU A 150 2.58 -29.79 -10.00
N THR A 151 3.86 -30.18 -9.94
CA THR A 151 4.39 -31.19 -10.85
C THR A 151 3.68 -32.51 -10.62
N ASP A 152 4.06 -33.57 -11.33
CA ASP A 152 3.47 -34.87 -11.02
C ASP A 152 3.70 -35.19 -9.55
N GLY A 153 2.62 -35.61 -8.88
CA GLY A 153 2.67 -35.97 -7.48
C GLY A 153 2.12 -34.92 -6.55
N ALA A 154 2.51 -33.65 -6.77
CA ALA A 154 2.34 -32.58 -5.79
C ALA A 154 1.13 -31.68 -6.06
N GLU A 155 0.15 -32.16 -6.83
CA GLU A 155 -1.00 -31.33 -7.16
C GLU A 155 -1.91 -31.16 -5.96
N LYS A 156 -2.40 -29.93 -5.77
CA LYS A 156 -3.50 -29.75 -4.84
C LYS A 156 -4.72 -30.47 -5.35
N GLY A 157 -5.69 -30.61 -4.49
CA GLY A 157 -6.94 -31.20 -4.90
C GLY A 157 -7.92 -31.12 -3.77
N PRO A 158 -8.90 -32.01 -3.79
CA PRO A 158 -9.96 -31.95 -2.77
C PRO A 158 -9.47 -32.33 -1.39
N THR A 159 -8.68 -33.40 -1.27
CA THR A 159 -8.14 -33.86 -0.01
C THR A 159 -6.73 -33.31 0.23
N TYR A 160 -6.18 -33.60 1.40
CA TYR A 160 -4.79 -33.29 1.64
C TYR A 160 -3.89 -34.20 0.79
N ASN A 161 -2.86 -33.61 0.20
CA ASN A 161 -1.89 -34.35 -0.61
C ASN A 161 -0.59 -34.39 0.17
N LYS A 162 -0.12 -35.58 0.53
CA LYS A 162 1.05 -35.70 1.40
C LYS A 162 2.34 -35.46 0.63
N VAL A 163 2.39 -35.86 -0.64
CA VAL A 163 3.58 -35.59 -1.45
C VAL A 163 3.82 -34.08 -1.50
N ARG A 164 2.76 -33.31 -1.68
CA ARG A 164 2.88 -31.86 -1.61
C ARG A 164 3.18 -31.40 -0.17
N GLY A 165 2.45 -31.92 0.79
CA GLY A 165 2.72 -31.54 2.18
C GLY A 165 4.16 -31.75 2.57
N ASP A 166 4.74 -32.89 2.15
CA ASP A 166 6.14 -33.19 2.43
C ASP A 166 7.06 -32.13 1.83
N LYS A 167 6.81 -31.74 0.58
CA LYS A 167 7.62 -30.70 -0.04
C LYS A 167 7.46 -29.37 0.70
N VAL A 168 6.24 -29.11 1.19
CA VAL A 168 6.05 -27.94 2.04
C VAL A 168 6.94 -28.02 3.27
N ILE A 169 7.00 -29.20 3.88
CA ILE A 169 7.81 -29.36 5.09
C ILE A 169 9.28 -29.21 4.75
N ALA A 170 9.72 -29.86 3.67
CA ALA A 170 11.13 -29.76 3.29
C ALA A 170 11.51 -28.31 2.97
N TYR A 171 10.60 -27.58 2.32
CA TYR A 171 10.86 -26.16 2.06
C TYR A 171 11.07 -25.39 3.36
N ALA A 172 10.19 -25.62 4.35
CA ALA A 172 10.28 -24.87 5.61
C ALA A 172 11.51 -25.26 6.41
N ARG A 173 11.92 -26.53 6.36
CA ARG A 173 13.13 -26.92 7.10
C ARG A 173 14.36 -26.21 6.53
N LYS A 174 14.43 -26.04 5.21
CA LYS A 174 15.57 -25.32 4.63
C LYS A 174 15.54 -23.84 5.00
N PHE A 175 14.33 -23.25 5.08
CA PHE A 175 14.24 -21.87 5.56
C PHE A 175 14.80 -21.75 6.97
N LEU A 176 14.50 -22.71 7.84
CA LEU A 176 15.05 -22.72 9.19
C LEU A 176 16.57 -22.82 9.15
N ASP A 177 17.08 -23.75 8.36
CA ASP A 177 18.53 -23.89 8.23
C ASP A 177 19.16 -22.57 7.79
N ASP A 178 18.56 -21.92 6.78
CA ASP A 178 19.10 -20.69 6.23
C ASP A 178 18.89 -19.46 7.11
N SER A 179 18.01 -19.53 8.12
CA SER A 179 17.68 -18.39 8.94
C SER A 179 18.16 -18.49 10.38
N VAL A 180 18.04 -19.67 10.98
CA VAL A 180 18.44 -19.90 12.37
C VAL A 180 19.31 -21.13 12.45
N PRO A 181 20.54 -21.08 11.94
CA PRO A 181 21.32 -22.32 11.74
C PRO A 181 21.62 -23.07 13.04
N LEU A 182 21.66 -24.40 12.92
CA LEU A 182 22.18 -25.28 13.97
C LEU A 182 23.71 -25.20 14.02
N SER A 183 24.26 -25.49 15.22
CA SER A 183 25.71 -25.57 15.35
C SER A 183 26.28 -26.69 14.51
N SER A 184 25.54 -27.78 14.36
CA SER A 184 25.94 -28.88 13.49
C SER A 184 24.68 -29.61 13.05
N GLY A 185 24.58 -29.90 11.75
CA GLY A 185 23.43 -30.60 11.25
C GLY A 185 22.31 -29.66 10.83
N SER A 186 21.21 -30.27 10.42
CA SER A 186 20.12 -29.55 9.78
C SER A 186 18.80 -29.87 10.46
N PHE A 187 17.92 -28.87 10.48
CA PHE A 187 16.55 -29.06 10.97
C PHE A 187 15.82 -30.18 10.22
N GLY A 188 16.24 -30.51 9.00
CA GLY A 188 15.63 -31.62 8.30
C GLY A 188 15.75 -32.93 9.06
N ASP A 189 16.83 -33.10 9.83
CA ASP A 189 17.08 -34.34 10.57
C ASP A 189 16.71 -34.23 12.05
N ALA A 190 16.19 -33.08 12.48
CA ALA A 190 15.73 -32.91 13.86
C ALA A 190 14.65 -33.93 14.22
N THR A 191 14.76 -34.49 15.43
CA THR A 191 13.72 -35.34 16.01
C THR A 191 13.02 -34.75 17.24
N GLY A 192 13.52 -33.67 17.82
CA GLY A 192 12.81 -33.08 18.94
C GLY A 192 13.43 -31.78 19.38
N PHE A 193 12.71 -31.07 20.25
CA PHE A 193 13.21 -29.82 20.81
C PHE A 193 12.94 -29.78 22.31
N THR A 194 13.93 -29.31 23.07
CA THR A 194 13.78 -29.05 24.50
C THR A 194 14.58 -27.80 24.86
N VAL A 195 14.36 -27.31 26.08
CA VAL A 195 15.05 -26.13 26.62
C VAL A 195 15.77 -26.54 27.89
N GLN A 196 17.09 -26.58 27.84
CA GLN A 196 17.90 -27.04 28.95
C GLN A 196 18.77 -25.90 29.44
N ASP A 197 18.65 -25.58 30.74
CA ASP A 197 19.35 -24.46 31.37
C ASP A 197 19.24 -23.21 30.51
N GLY A 198 18.01 -22.93 30.09
CA GLY A 198 17.66 -21.75 29.32
C GLY A 198 18.20 -21.69 27.91
N GLN A 199 18.56 -22.82 27.32
CA GLN A 199 19.11 -22.79 25.97
C GLN A 199 18.41 -23.82 25.10
N LEU A 200 18.27 -23.49 23.82
CA LEU A 200 17.57 -24.38 22.90
C LEU A 200 18.46 -25.56 22.56
N VAL A 201 17.88 -26.77 22.64
CA VAL A 201 18.58 -28.00 22.32
C VAL A 201 17.77 -28.77 21.29
N VAL A 202 18.37 -28.98 20.10
CA VAL A 202 17.76 -29.71 18.98
C VAL A 202 18.38 -31.09 18.93
N ALA A 203 17.53 -32.13 18.93
CA ALA A 203 17.98 -33.52 18.94
C ALA A 203 18.11 -34.04 17.50
N LEU A 204 19.33 -34.31 17.08
CA LEU A 204 19.61 -35.02 15.84
C LEU A 204 19.64 -36.52 16.11
N PRO A 205 19.62 -37.38 15.06
CA PRO A 205 19.57 -38.82 15.34
C PRO A 205 20.81 -39.34 16.07
N ASP A 206 21.99 -38.81 15.75
CA ASP A 206 23.24 -39.29 16.37
C ASP A 206 23.57 -38.49 17.63
N LYS A 207 23.91 -37.22 17.48
CA LYS A 207 24.26 -36.32 18.57
C LYS A 207 23.04 -35.45 18.93
N SER A 208 23.31 -34.33 19.60
CA SER A 208 22.33 -33.26 19.81
C SER A 208 23.07 -31.93 19.63
N THR A 209 22.38 -30.93 19.09
CA THR A 209 23.03 -29.66 18.81
C THR A 209 22.22 -28.51 19.40
N GLY A 210 22.88 -27.36 19.52
CA GLY A 210 22.25 -26.10 19.85
C GLY A 210 22.26 -25.15 18.66
N LEU A 211 21.99 -23.88 18.95
CA LEU A 211 21.94 -22.86 17.90
C LEU A 211 23.35 -22.37 17.60
N ALA A 212 23.68 -22.25 16.31
CA ALA A 212 24.95 -21.63 15.95
C ALA A 212 25.04 -20.21 16.47
N ASN A 213 23.90 -19.57 16.70
CA ASN A 213 23.82 -18.28 17.37
C ASN A 213 22.74 -18.37 18.45
N PRO A 214 23.09 -18.79 19.67
CA PRO A 214 22.06 -19.01 20.70
C PRO A 214 21.20 -17.80 20.97
N GLY A 215 21.68 -16.59 20.66
CA GLY A 215 20.85 -15.40 20.81
C GLY A 215 19.58 -15.42 19.97
N GLN A 216 19.55 -16.24 18.91
CA GLN A 216 18.37 -16.37 18.07
CA GLN A 216 18.40 -16.41 18.04
C GLN A 216 17.25 -17.15 18.73
N PHE A 217 17.43 -17.59 19.97
CA PHE A 217 16.38 -18.29 20.70
C PHE A 217 15.61 -17.27 21.56
N ALA A 218 14.31 -17.10 21.27
CA ALA A 218 13.54 -16.04 21.89
C ALA A 218 12.55 -16.49 22.96
N GLY A 219 12.10 -17.74 22.92
CA GLY A 219 11.23 -18.24 23.97
C GLY A 219 10.55 -19.51 23.52
N TYR A 220 9.59 -19.95 24.33
CA TYR A 220 8.84 -21.16 24.06
C TYR A 220 7.48 -21.06 24.72
N THR A 221 6.64 -22.07 24.48
CA THR A 221 5.41 -22.31 25.22
C THR A 221 5.40 -23.75 25.67
N GLY A 222 4.55 -24.08 26.64
CA GLY A 222 4.55 -25.41 27.24
C GLY A 222 5.72 -25.64 28.19
N ALA A 223 5.87 -26.89 28.62
CA ALA A 223 6.97 -27.26 29.49
C ALA A 223 8.30 -27.17 28.73
N ALA A 224 9.34 -26.69 29.41
CA ALA A 224 10.63 -26.48 28.76
C ALA A 224 11.25 -27.79 28.26
N GLU A 225 10.83 -28.95 28.80
CA GLU A 225 11.43 -30.23 28.44
C GLU A 225 10.66 -30.96 27.33
N SER A 226 9.47 -30.48 26.96
CA SER A 226 8.85 -30.86 25.68
C SER A 226 7.85 -29.76 25.32
N PRO A 227 8.35 -28.64 24.81
CA PRO A 227 7.48 -27.46 24.63
C PRO A 227 6.47 -27.63 23.52
N THR A 228 5.34 -26.93 23.66
CA THR A 228 4.37 -26.88 22.57
C THR A 228 4.81 -25.99 21.41
N SER A 229 5.88 -25.22 21.57
CA SER A 229 6.40 -24.40 20.48
C SER A 229 7.72 -23.80 20.92
N VAL A 230 8.60 -23.60 19.95
CA VAL A 230 9.87 -22.92 20.14
C VAL A 230 9.84 -21.65 19.31
N LEU A 231 10.24 -20.52 19.92
CA LEU A 231 10.14 -19.22 19.29
C LEU A 231 11.54 -18.67 19.04
N LEU A 232 11.86 -18.41 17.77
CA LEU A 232 13.15 -17.86 17.38
C LEU A 232 12.98 -16.45 16.82
N ILE A 233 14.11 -15.78 16.63
CA ILE A 233 14.13 -14.46 16.04
C ILE A 233 15.33 -14.40 15.12
N ASN A 234 15.20 -13.62 14.04
CA ASN A 234 16.27 -13.43 13.06
C ASN A 234 15.99 -12.13 12.34
N HIS A 235 16.97 -11.21 12.35
CA HIS A 235 16.81 -9.87 11.77
C HIS A 235 15.60 -9.15 12.35
N GLY A 236 15.27 -9.41 13.61
CA GLY A 236 14.17 -8.76 14.25
C GLY A 236 12.79 -9.33 13.97
N LEU A 237 12.68 -10.33 13.10
CA LEU A 237 11.41 -11.00 12.83
C LEU A 237 11.37 -12.35 13.54
N HIS A 238 10.19 -12.71 14.05
CA HIS A 238 10.00 -13.91 14.85
C HIS A 238 9.56 -15.07 13.99
N ILE A 239 10.05 -16.26 14.35
CA ILE A 239 9.72 -17.54 13.73
C ILE A 239 9.27 -18.47 14.84
N GLU A 240 8.08 -19.04 14.72
CA GLU A 240 7.55 -19.91 15.75
C GLU A 240 7.28 -21.30 15.17
N ILE A 241 8.07 -22.28 15.59
CA ILE A 241 7.83 -23.68 15.26
C ILE A 241 6.78 -24.22 16.21
N LEU A 242 5.63 -24.64 15.67
CA LEU A 242 4.55 -25.25 16.44
C LEU A 242 4.80 -26.74 16.51
N ILE A 243 4.81 -27.28 17.74
CA ILE A 243 5.21 -28.67 17.99
C ILE A 243 4.00 -29.43 18.51
N ASP A 244 3.50 -30.36 17.71
CA ASP A 244 2.27 -31.06 18.05
C ASP A 244 2.23 -32.40 17.33
N PRO A 245 2.87 -33.43 17.89
CA PRO A 245 2.80 -34.77 17.27
C PRO A 245 1.39 -35.30 17.09
N GLU A 246 0.41 -34.78 17.84
CA GLU A 246 -0.95 -35.30 17.78
C GLU A 246 -1.63 -34.99 16.46
N SER A 247 -1.31 -33.87 15.83
CA SER A 247 -2.04 -33.41 14.66
C SER A 247 -1.64 -34.22 13.41
N GLN A 248 -2.42 -34.04 12.34
CA GLN A 248 -2.21 -34.85 11.13
C GLN A 248 -0.84 -34.59 10.53
N VAL A 249 -0.52 -33.33 10.25
CA VAL A 249 0.83 -33.02 9.76
C VAL A 249 1.85 -33.41 10.80
N GLY A 250 1.59 -33.06 12.07
CA GLY A 250 2.55 -33.35 13.13
C GLY A 250 2.90 -34.82 13.23
N THR A 251 1.90 -35.70 13.09
CA THR A 251 2.14 -37.14 13.14
C THR A 251 3.17 -37.60 12.11
N THR A 252 3.12 -37.04 10.89
CA THR A 252 4.01 -37.45 9.80
C THR A 252 5.42 -36.87 9.91
N ASP A 253 5.60 -35.81 10.70
CA ASP A 253 6.88 -35.10 10.73
C ASP A 253 7.87 -35.79 11.66
N ARG A 254 9.14 -35.81 11.26
CA ARG A 254 10.18 -36.49 12.04
C ARG A 254 10.38 -35.89 13.43
N ALA A 255 9.89 -34.68 13.68
CA ALA A 255 9.99 -34.07 15.00
C ALA A 255 8.64 -33.59 15.50
N GLY A 256 7.54 -34.05 14.89
CA GLY A 256 6.23 -33.66 15.35
C GLY A 256 5.84 -32.24 15.07
N VAL A 257 6.53 -31.56 14.16
CA VAL A 257 6.23 -30.17 13.86
C VAL A 257 4.90 -30.06 13.12
N LYS A 258 4.05 -29.15 13.56
CA LYS A 258 2.75 -28.90 12.94
C LYS A 258 2.79 -27.75 11.94
N ASP A 259 3.68 -26.80 12.13
CA ASP A 259 3.72 -25.61 11.30
C ASP A 259 4.95 -24.79 11.67
N VAL A 260 5.33 -23.93 10.75
CA VAL A 260 6.26 -22.85 11.02
C VAL A 260 5.48 -21.55 10.83
N ILE A 261 5.33 -20.79 11.91
CA ILE A 261 4.58 -19.54 11.90
C ILE A 261 5.57 -18.40 11.73
N LEU A 262 5.27 -17.50 10.80
CA LEU A 262 6.14 -16.37 10.49
C LEU A 262 5.46 -15.08 10.91
N GLU A 263 6.17 -14.27 11.68
CA GLU A 263 5.75 -12.88 11.82
C GLU A 263 5.87 -12.21 10.45
N SER A 264 4.75 -11.67 9.94
CA SER A 264 4.63 -11.35 8.51
C SER A 264 4.31 -9.89 8.24
N ALA A 265 3.01 -9.53 8.23
CA ALA A 265 2.64 -8.13 8.05
C ALA A 265 2.94 -7.33 9.32
N ILE A 266 4.12 -6.74 9.42
CA ILE A 266 4.46 -6.02 10.64
C ILE A 266 3.57 -4.78 10.79
N THR A 267 3.32 -4.07 9.69
CA THR A 267 2.40 -2.95 9.69
C THR A 267 1.42 -3.11 8.55
N THR A 268 0.24 -2.53 8.72
CA THR A 268 -0.82 -2.61 7.73
C THR A 268 -1.37 -1.23 7.45
N ILE A 269 -1.63 -0.96 6.17
CA ILE A 269 -2.19 0.32 5.76
C ILE A 269 -3.67 0.10 5.43
N MET A 270 -4.53 0.66 6.29
CA MET A 270 -5.97 0.65 6.04
C MET A 270 -6.29 1.76 5.06
N ASP A 271 -6.84 1.41 3.90
CA ASP A 271 -6.82 2.30 2.75
C ASP A 271 -8.17 2.97 2.53
N PHE A 272 -8.16 4.30 2.47
CA PHE A 272 -9.31 5.07 2.02
C PHE A 272 -9.18 5.56 0.58
N GLU A 273 -8.02 5.34 -0.06
CA GLU A 273 -7.71 5.95 -1.34
C GLU A 273 -7.93 4.99 -2.50
N ASP A 274 -6.86 4.70 -3.24
CA ASP A 274 -6.99 4.10 -4.57
C ASP A 274 -7.64 2.73 -4.61
N SER A 275 -7.71 2.02 -3.48
CA SER A 275 -8.25 0.66 -3.50
C SER A 275 -9.70 0.59 -3.01
N VAL A 276 -10.36 1.73 -2.80
CA VAL A 276 -11.78 1.75 -2.46
C VAL A 276 -12.52 2.76 -3.32
N ALA A 277 -13.83 2.57 -3.38
CA ALA A 277 -14.73 3.39 -4.17
C ALA A 277 -15.71 4.03 -3.18
N ALA A 278 -15.55 5.31 -2.91
CA ALA A 278 -16.37 5.96 -1.90
C ALA A 278 -16.68 7.34 -2.41
N VAL A 279 -17.93 7.59 -2.80
CA VAL A 279 -18.23 8.79 -3.56
C VAL A 279 -19.21 9.71 -2.85
N ASP A 280 -19.71 9.34 -1.68
CA ASP A 280 -20.64 10.21 -0.98
C ASP A 280 -20.50 9.98 0.53
N ALA A 281 -21.44 10.52 1.29
CA ALA A 281 -21.37 10.36 2.73
C ALA A 281 -21.64 8.91 3.13
N ALA A 282 -22.59 8.25 2.45
CA ALA A 282 -22.89 6.86 2.78
C ALA A 282 -21.63 6.00 2.66
N ASP A 283 -20.88 6.17 1.56
CA ASP A 283 -19.65 5.40 1.36
C ASP A 283 -18.59 5.74 2.42
N LYS A 284 -18.35 7.03 2.68
CA LYS A 284 -17.30 7.42 3.63
C LYS A 284 -17.63 6.94 5.04
N VAL A 285 -18.92 6.95 5.39
CA VAL A 285 -19.32 6.46 6.71
C VAL A 285 -18.96 5.00 6.87
N LEU A 286 -19.18 4.20 5.81
CA LEU A 286 -18.85 2.77 5.87
C LEU A 286 -17.37 2.59 6.14
N GLY A 287 -16.53 3.29 5.39
CA GLY A 287 -15.10 3.26 5.67
C GLY A 287 -14.77 3.73 7.08
N TYR A 288 -15.28 4.91 7.46
CA TYR A 288 -15.01 5.43 8.81
C TYR A 288 -15.45 4.45 9.89
N ARG A 289 -16.61 3.82 9.73
CA ARG A 289 -17.07 2.87 10.73
C ARG A 289 -16.10 1.71 10.89
N ASN A 290 -15.67 1.10 9.77
CA ASN A 290 -14.71 0.00 9.86
C ASN A 290 -13.40 0.45 10.54
N TRP A 291 -12.88 1.61 10.13
CA TRP A 291 -11.72 2.19 10.82
C TRP A 291 -12.00 2.36 12.31
N LEU A 292 -13.25 2.68 12.67
CA LEU A 292 -13.58 2.85 14.09
C LEU A 292 -13.53 1.51 14.82
N GLY A 293 -14.13 0.47 14.25
CA GLY A 293 -14.11 -0.84 14.89
C GLY A 293 -12.72 -1.42 14.99
N LEU A 294 -11.82 -1.00 14.09
CA LEU A 294 -10.43 -1.45 14.18
C LEU A 294 -9.74 -0.78 15.35
N ASN A 295 -10.01 0.49 15.58
CA ASN A 295 -9.34 1.21 16.65
C ASN A 295 -9.96 0.93 18.02
N LYS A 296 -11.27 0.65 18.09
CA LYS A 296 -11.88 0.27 19.36
C LYS A 296 -11.66 -1.21 19.67
N GLY A 297 -11.32 -2.01 18.67
CA GLY A 297 -11.06 -3.40 18.90
C GLY A 297 -12.24 -4.33 18.73
N ASP A 298 -13.45 -3.80 18.57
CA ASP A 298 -14.63 -4.65 18.52
C ASP A 298 -15.13 -4.90 17.11
N LEU A 299 -14.36 -4.53 16.08
CA LEU A 299 -14.74 -4.90 14.71
C LEU A 299 -14.83 -6.42 14.60
N ALA A 300 -15.94 -6.91 14.03
CA ALA A 300 -16.17 -8.34 13.93
C ALA A 300 -17.07 -8.69 12.75
N ALA A 301 -16.74 -9.78 12.06
CA ALA A 301 -17.63 -10.37 11.06
C ALA A 301 -17.99 -11.80 11.46
N ARG A 312 -15.51 -14.04 13.75
CA ARG A 312 -14.20 -13.51 13.34
C ARG A 312 -13.84 -12.15 13.99
N VAL A 313 -12.71 -12.07 14.72
CA VAL A 313 -12.39 -10.91 15.57
C VAL A 313 -10.88 -10.64 15.55
N LEU A 314 -10.49 -9.56 16.21
CA LEU A 314 -9.09 -9.13 16.24
C LEU A 314 -8.27 -9.89 17.26
N ASN A 315 -7.03 -10.22 16.89
CA ASN A 315 -6.13 -11.00 17.75
C ASN A 315 -5.80 -10.27 19.04
N ARG A 316 -5.66 -11.04 20.11
CA ARG A 316 -4.98 -10.52 21.30
C ARG A 316 -3.50 -10.86 21.21
N ASP A 317 -2.70 -10.17 22.02
CA ASP A 317 -1.27 -10.41 22.02
C ASP A 317 -0.98 -11.88 22.31
N ARG A 318 0.28 -12.28 22.11
CA ARG A 318 0.69 -13.67 22.26
C ARG A 318 1.61 -13.80 23.46
N ASN A 319 1.39 -14.85 24.25
CA ASN A 319 2.15 -15.08 25.48
C ASN A 319 3.24 -16.12 25.24
N TYR A 320 4.44 -15.82 25.73
CA TYR A 320 5.57 -16.73 25.62
C TYR A 320 6.24 -16.86 26.97
N THR A 321 7.04 -17.90 27.08
CA THR A 321 7.93 -18.07 28.21
C THR A 321 9.34 -17.77 27.72
N ALA A 322 10.02 -16.86 28.41
CA ALA A 322 11.36 -16.49 28.02
C ALA A 322 12.31 -17.66 28.21
N PRO A 323 13.48 -17.64 27.54
CA PRO A 323 14.47 -18.71 27.77
C PRO A 323 14.78 -18.96 29.23
N GLY A 324 14.76 -17.92 30.06
CA GLY A 324 15.05 -18.04 31.47
C GLY A 324 13.91 -18.56 32.32
N GLY A 325 12.69 -18.55 31.81
CA GLY A 325 11.54 -19.06 32.55
C GLY A 325 10.52 -18.00 32.95
N GLY A 326 10.82 -16.71 32.78
CA GLY A 326 9.83 -15.65 32.97
C GLY A 326 8.80 -15.61 31.84
N GLN A 327 7.83 -14.71 32.00
CA GLN A 327 6.76 -14.49 31.02
C GLN A 327 6.98 -13.19 30.27
N PHE A 328 6.64 -13.19 28.98
CA PHE A 328 6.57 -11.95 28.21
C PHE A 328 5.46 -12.09 27.17
N THR A 329 5.24 -11.01 26.42
CA THR A 329 4.21 -10.96 25.40
C THR A 329 4.77 -10.33 24.14
N LEU A 330 4.13 -10.63 23.03
CA LEU A 330 4.48 -10.06 21.74
C LEU A 330 3.22 -9.56 21.05
N PRO A 331 3.31 -8.47 20.30
CA PRO A 331 2.11 -7.91 19.65
C PRO A 331 1.46 -8.89 18.68
N GLY A 332 0.16 -9.07 18.81
CA GLY A 332 -0.52 -10.02 17.96
C GLY A 332 -1.14 -9.41 16.72
N ARG A 333 -0.99 -8.11 16.54
CA ARG A 333 -1.71 -7.39 15.51
C ARG A 333 -0.74 -6.55 14.70
N SER A 334 -1.06 -6.38 13.42
CA SER A 334 -0.30 -5.45 12.59
CA SER A 334 -0.30 -5.45 12.59
C SER A 334 -0.50 -4.04 13.10
N LEU A 335 0.58 -3.27 13.20
CA LEU A 335 0.48 -1.86 13.55
C LEU A 335 -0.18 -1.14 12.39
N MET A 336 -1.18 -0.33 12.68
CA MET A 336 -2.09 0.12 11.62
C MET A 336 -1.80 1.56 11.24
N PHE A 337 -1.46 1.75 9.98
CA PHE A 337 -1.54 3.04 9.29
C PHE A 337 -2.94 3.22 8.74
N VAL A 338 -3.25 4.45 8.31
CA VAL A 338 -4.45 4.71 7.53
C VAL A 338 -4.07 5.65 6.38
N ARG A 339 -4.37 5.25 5.15
CA ARG A 339 -4.07 6.13 4.01
C ARG A 339 -5.29 7.01 3.76
N ASN A 340 -5.14 8.31 4.06
CA ASN A 340 -6.11 9.34 3.68
C ASN A 340 -6.09 9.54 2.17
N VAL A 341 -7.13 10.18 1.63
CA VAL A 341 -7.02 10.60 0.23
C VAL A 341 -6.10 11.82 0.20
N GLY A 342 -5.70 12.23 -1.00
CA GLY A 342 -4.78 13.35 -1.16
C GLY A 342 -5.52 14.65 -1.35
N HIS A 343 -4.79 15.65 -1.87
CA HIS A 343 -5.29 17.03 -1.89
C HIS A 343 -6.33 17.29 -2.98
N LEU A 344 -6.57 16.35 -3.89
CA LEU A 344 -7.29 16.71 -5.11
C LEU A 344 -8.80 16.81 -4.90
N MET A 345 -9.43 15.73 -4.46
CA MET A 345 -10.85 15.59 -4.67
C MET A 345 -11.64 16.32 -3.59
N THR A 346 -12.90 16.62 -3.93
CA THR A 346 -13.90 17.11 -2.99
C THR A 346 -14.99 16.06 -2.88
N ASN A 347 -15.80 16.18 -1.83
CA ASN A 347 -16.86 15.23 -1.58
C ASN A 347 -18.07 15.97 -1.03
N ASP A 348 -19.25 15.62 -1.52
CA ASP A 348 -20.46 16.31 -1.08
C ASP A 348 -20.97 15.80 0.26
N ALA A 349 -20.24 14.90 0.92
CA ALA A 349 -20.59 14.59 2.30
C ALA A 349 -20.67 15.86 3.13
N ILE A 350 -19.89 16.89 2.78
CA ILE A 350 -20.10 18.24 3.29
C ILE A 350 -20.06 19.23 2.13
N VAL A 351 -21.05 20.11 2.10
CA VAL A 351 -21.06 21.24 1.18
C VAL A 351 -21.17 22.50 2.03
N ASP A 352 -20.87 23.64 1.42
CA ASP A 352 -21.08 24.88 2.15
C ASP A 352 -22.40 25.52 1.74
N THR A 353 -22.58 26.77 2.14
CA THR A 353 -23.83 27.46 1.81
C THR A 353 -24.06 27.51 0.31
N ASP A 354 -23.00 27.82 -0.47
CA ASP A 354 -23.07 27.90 -1.93
C ASP A 354 -23.24 26.56 -2.62
N GLY A 355 -23.26 25.44 -1.90
CA GLY A 355 -23.28 24.16 -2.57
C GLY A 355 -21.93 23.63 -3.01
N SER A 356 -20.85 24.40 -2.83
CA SER A 356 -19.50 23.88 -3.07
C SER A 356 -19.18 22.75 -2.08
N GLU A 357 -18.63 21.66 -2.61
CA GLU A 357 -18.24 20.52 -1.80
C GLU A 357 -16.97 20.82 -1.03
N VAL A 358 -16.81 20.12 0.05
CA VAL A 358 -15.66 20.31 0.92
C VAL A 358 -14.53 19.40 0.42
N PHE A 359 -13.29 19.86 0.58
CA PHE A 359 -12.14 19.04 0.20
C PHE A 359 -12.10 17.76 1.03
N GLU A 360 -12.05 16.62 0.33
CA GLU A 360 -12.17 15.33 1.00
C GLU A 360 -10.97 15.02 1.87
N GLY A 361 -9.77 15.40 1.43
CA GLY A 361 -8.59 15.15 2.22
C GLY A 361 -8.66 15.80 3.59
N ILE A 362 -9.07 17.07 3.62
CA ILE A 362 -9.22 17.77 4.89
C ILE A 362 -10.14 16.99 5.80
N MET A 363 -11.24 16.45 5.24
CA MET A 363 -12.17 15.65 6.02
C MET A 363 -11.51 14.39 6.56
N ASP A 364 -10.72 13.70 5.74
CA ASP A 364 -10.08 12.47 6.22
C ASP A 364 -9.19 12.76 7.40
N ALA A 365 -8.47 13.87 7.38
CA ALA A 365 -7.59 14.20 8.51
C ALA A 365 -8.39 14.44 9.79
N LEU A 366 -9.54 15.09 9.68
CA LEU A 366 -10.38 15.35 10.85
C LEU A 366 -11.05 14.08 11.33
N PHE A 367 -11.59 13.29 10.41
CA PHE A 367 -12.39 12.14 10.82
C PHE A 367 -11.56 10.90 11.04
N THR A 368 -10.57 10.59 10.18
CA THR A 368 -9.73 9.46 10.51
C THR A 368 -8.88 9.76 11.74
N GLY A 369 -8.48 11.03 11.91
CA GLY A 369 -7.74 11.41 13.10
C GLY A 369 -8.57 11.32 14.37
N LEU A 370 -9.78 11.87 14.36
CA LEU A 370 -10.67 11.67 15.49
C LEU A 370 -10.76 10.18 15.83
N ILE A 371 -11.10 9.36 14.83
CA ILE A 371 -11.33 7.94 15.08
C ILE A 371 -10.08 7.27 15.63
N ALA A 372 -8.91 7.68 15.15
CA ALA A 372 -7.66 7.06 15.57
C ALA A 372 -7.40 7.17 17.06
N ILE A 373 -8.09 8.09 17.77
CA ILE A 373 -7.77 8.29 19.17
C ILE A 373 -8.14 7.05 19.98
N HIS A 374 -9.16 6.31 19.53
CA HIS A 374 -9.54 5.08 20.22
C HIS A 374 -8.44 4.03 20.19
N GLY A 375 -7.54 4.09 19.21
CA GLY A 375 -6.48 3.11 19.11
C GLY A 375 -5.36 3.30 20.10
N LEU A 376 -5.26 4.51 20.66
CA LEU A 376 -4.32 4.86 21.71
C LEU A 376 -4.85 4.58 23.11
N LYS A 377 -5.95 3.83 23.23
CA LYS A 377 -6.63 3.72 24.50
C LYS A 377 -7.23 2.32 24.61
N ALA A 378 -7.35 1.86 25.87
CA ALA A 378 -7.75 0.48 26.17
C ALA A 378 -9.08 0.10 25.53
N SER A 379 -9.09 -1.06 24.87
CA SER A 379 -10.20 -1.54 24.04
C SER A 379 -11.39 -1.96 24.91
N ASP A 380 -12.50 -2.29 24.24
CA ASP A 380 -13.73 -2.83 24.85
C ASP A 380 -14.28 -1.93 25.96
N PRO A 384 -7.33 -3.42 26.33
CA PRO A 384 -5.90 -3.14 26.24
C PRO A 384 -5.56 -2.48 24.93
N LEU A 385 -5.01 -1.27 25.01
CA LEU A 385 -4.60 -0.43 23.90
C LEU A 385 -4.34 -1.22 22.63
N ILE A 386 -5.17 -0.95 21.64
CA ILE A 386 -5.12 -1.61 20.36
C ILE A 386 -3.98 -1.29 19.41
N ASN A 387 -3.59 -0.03 19.32
CA ASN A 387 -2.61 0.36 18.31
C ASN A 387 -1.38 0.94 18.99
N SER A 388 -0.95 2.14 18.64
CA SER A 388 0.36 2.66 19.03
C SER A 388 0.52 2.80 20.54
N ARG A 389 1.47 2.08 21.12
CA ARG A 389 1.73 2.25 22.54
C ARG A 389 2.55 3.50 22.85
N THR A 390 3.26 4.04 21.86
CA THR A 390 4.03 5.27 22.05
C THR A 390 3.23 6.54 21.77
N GLY A 391 1.97 6.42 21.36
CA GLY A 391 1.06 7.55 21.31
C GLY A 391 0.92 8.28 19.98
N SER A 392 1.27 7.65 18.86
CA SER A 392 1.23 8.27 17.53
C SER A 392 0.03 7.78 16.71
N ILE A 393 -0.34 8.59 15.72
CA ILE A 393 -1.35 8.24 14.72
C ILE A 393 -0.68 8.28 13.36
N TYR A 394 -0.82 7.21 12.58
CA TYR A 394 -0.03 7.05 11.35
C TYR A 394 -0.92 7.18 10.14
N ILE A 395 -0.73 8.25 9.38
CA ILE A 395 -1.54 8.59 8.23
C ILE A 395 -0.62 8.63 7.01
N VAL A 396 -0.90 7.79 6.03
CA VAL A 396 -0.26 7.88 4.72
C VAL A 396 -0.90 9.02 3.95
N LYS A 397 -0.08 9.90 3.37
CA LYS A 397 -0.62 10.98 2.54
C LYS A 397 -0.17 10.79 1.10
N PRO A 398 -1.03 10.30 0.23
CA PRO A 398 -0.63 10.01 -1.16
C PRO A 398 -0.63 11.26 -2.03
N LYS A 399 -0.02 11.12 -3.20
CA LYS A 399 -0.28 11.99 -4.36
C LYS A 399 -0.01 13.47 -4.07
N MET A 400 0.94 13.75 -3.19
CA MET A 400 1.41 15.11 -3.05
C MET A 400 2.43 15.44 -4.13
N HIS A 401 2.46 16.72 -4.52
CA HIS A 401 3.32 17.25 -5.58
C HIS A 401 4.25 18.31 -5.01
N GLY A 402 5.43 17.88 -4.53
CA GLY A 402 6.47 18.83 -4.17
C GLY A 402 6.35 19.34 -2.75
N PRO A 403 7.38 20.08 -2.31
CA PRO A 403 7.51 20.37 -0.88
C PRO A 403 6.43 21.28 -0.30
N ALA A 404 5.93 22.27 -1.05
CA ALA A 404 4.89 23.13 -0.49
C ALA A 404 3.65 22.31 -0.16
N GLU A 405 3.34 21.31 -0.98
CA GLU A 405 2.17 20.49 -0.69
C GLU A 405 2.39 19.63 0.55
N VAL A 406 3.64 19.28 0.86
CA VAL A 406 3.91 18.56 2.09
C VAL A 406 3.71 19.48 3.30
N ALA A 407 4.18 20.72 3.21
CA ALA A 407 3.99 21.67 4.29
C ALA A 407 2.52 21.94 4.54
N PHE A 408 1.70 21.88 3.48
CA PHE A 408 0.26 22.03 3.65
C PHE A 408 -0.31 20.89 4.48
N THR A 409 0.06 19.66 4.13
CA THR A 409 -0.37 18.50 4.90
C THR A 409 0.01 18.65 6.38
N CYS A 410 1.23 19.13 6.62
CA CYS A 410 1.68 19.43 7.97
C CYS A 410 0.76 20.41 8.65
N GLU A 411 0.46 21.53 7.97
CA GLU A 411 -0.40 22.54 8.55
C GLU A 411 -1.78 21.97 8.88
N LEU A 412 -2.30 21.11 8.01
CA LEU A 412 -3.59 20.47 8.26
C LEU A 412 -3.56 19.59 9.50
N PHE A 413 -2.47 18.83 9.67
CA PHE A 413 -2.39 17.92 10.81
C PHE A 413 -2.22 18.69 12.12
N SER A 414 -1.46 19.79 12.10
CA SER A 414 -1.37 20.64 13.28
C SER A 414 -2.72 21.27 13.62
N ARG A 415 -3.47 21.71 12.61
CA ARG A 415 -4.78 22.28 12.90
C ARG A 415 -5.76 21.22 13.40
N VAL A 416 -5.74 20.02 12.81
CA VAL A 416 -6.62 18.95 13.29
C VAL A 416 -6.25 18.51 14.70
N GLU A 417 -4.94 18.47 15.02
CA GLU A 417 -4.53 18.15 16.38
C GLU A 417 -5.10 19.14 17.39
N ASP A 418 -5.06 20.44 17.06
CA ASP A 418 -5.62 21.45 17.95
CA ASP A 418 -5.63 21.46 17.94
C ASP A 418 -7.12 21.24 18.13
N VAL A 419 -7.84 20.92 17.04
CA VAL A 419 -9.27 20.64 17.11
C VAL A 419 -9.56 19.40 17.94
N LEU A 420 -8.68 18.39 17.87
CA LEU A 420 -8.90 17.12 18.54
C LEU A 420 -8.36 17.10 19.96
N GLY A 421 -7.49 18.06 20.30
CA GLY A 421 -6.95 18.11 21.63
C GLY A 421 -5.75 17.24 21.83
N LEU A 422 -5.04 16.90 20.77
CA LEU A 422 -3.92 15.99 20.79
C LEU A 422 -2.62 16.76 20.81
N PRO A 423 -1.60 16.25 21.50
CA PRO A 423 -0.29 16.90 21.46
C PRO A 423 0.13 17.16 20.03
N GLN A 424 0.80 18.29 19.80
CA GLN A 424 1.31 18.55 18.47
C GLN A 424 2.20 17.40 18.00
N ASN A 425 2.13 17.11 16.69
CA ASN A 425 2.93 16.08 16.03
C ASN A 425 2.48 14.67 16.42
N THR A 426 1.30 14.55 17.00
CA THR A 426 0.72 13.23 17.23
C THR A 426 0.44 12.52 15.91
N MET A 427 -0.02 13.26 14.89
CA MET A 427 -0.38 12.70 13.59
C MET A 427 0.86 12.69 12.69
N LYS A 428 1.42 11.49 12.49
CA LYS A 428 2.60 11.27 11.68
C LYS A 428 2.22 11.08 10.21
N ILE A 429 3.18 11.32 9.31
CA ILE A 429 2.93 11.24 7.88
C ILE A 429 3.80 10.16 7.26
N GLY A 430 3.16 9.21 6.59
CA GLY A 430 3.89 8.39 5.64
C GLY A 430 3.84 9.02 4.25
N ILE A 431 4.98 9.55 3.79
CA ILE A 431 5.04 10.27 2.51
C ILE A 431 5.14 9.26 1.36
N MET A 432 4.13 9.28 0.47
CA MET A 432 4.26 8.58 -0.80
C MET A 432 5.12 9.42 -1.73
N ASP A 433 6.08 8.78 -2.37
CA ASP A 433 6.88 9.40 -3.42
C ASP A 433 6.32 8.80 -4.69
N GLU A 434 5.30 9.46 -5.23
CA GLU A 434 4.59 8.88 -6.34
C GLU A 434 4.11 9.96 -7.32
N GLU A 435 4.69 11.16 -7.25
CA GLU A 435 4.49 12.21 -8.23
C GLU A 435 5.85 12.82 -8.57
N ARG A 436 6.02 13.17 -9.84
CA ARG A 436 7.35 13.51 -10.37
C ARG A 436 7.91 14.75 -9.69
N ARG A 437 7.07 15.76 -9.46
CA ARG A 437 7.53 16.94 -8.75
C ARG A 437 7.95 16.62 -7.31
N THR A 438 7.40 15.55 -6.72
CA THR A 438 7.91 15.09 -5.43
C THR A 438 9.28 14.42 -5.59
N THR A 439 9.37 13.42 -6.47
CA THR A 439 10.63 12.76 -6.79
C THR A 439 11.79 13.77 -6.91
N VAL A 440 11.68 14.74 -7.82
CA VAL A 440 12.85 15.57 -8.13
C VAL A 440 13.02 16.69 -7.09
N ASN A 441 12.23 16.63 -6.02
CA ASN A 441 12.37 17.54 -4.90
C ASN A 441 12.25 16.80 -3.58
N LEU A 442 12.61 15.51 -3.59
CA LEU A 442 12.27 14.65 -2.46
C LEU A 442 12.92 15.12 -1.18
N LYS A 443 14.19 15.55 -1.24
CA LYS A 443 14.87 16.00 -0.03
C LYS A 443 14.10 17.12 0.63
N ALA A 444 13.66 18.10 -0.15
CA ALA A 444 12.89 19.20 0.42
C ALA A 444 11.52 18.73 0.88
N CYS A 445 10.94 17.71 0.23
CA CYS A 445 9.68 17.16 0.73
C CYS A 445 9.86 16.48 2.08
N ILE A 446 11.00 15.86 2.33
CA ILE A 446 11.21 15.19 3.62
C ILE A 446 11.46 16.23 4.71
N LYS A 447 12.32 17.22 4.41
CA LYS A 447 12.59 18.31 5.34
C LYS A 447 11.31 19.05 5.71
N ALA A 448 10.41 19.24 4.73
CA ALA A 448 9.14 19.88 5.00
C ALA A 448 8.34 19.12 6.06
N ALA A 449 8.64 17.85 6.31
CA ALA A 449 7.94 17.09 7.34
C ALA A 449 8.93 16.49 8.34
N ALA A 450 10.03 17.20 8.60
CA ALA A 450 11.16 16.63 9.33
C ALA A 450 10.76 16.06 10.69
N ASP A 451 9.75 16.61 11.34
CA ASP A 451 9.36 16.09 12.65
C ASP A 451 8.04 15.32 12.64
N ARG A 452 7.46 15.05 11.47
CA ARG A 452 6.32 14.15 11.42
C ARG A 452 6.53 12.89 10.60
N VAL A 453 7.55 12.85 9.75
CA VAL A 453 7.59 11.83 8.70
C VAL A 453 8.01 10.50 9.31
N VAL A 454 7.22 9.46 9.03
CA VAL A 454 7.52 8.09 9.48
C VAL A 454 7.83 7.14 8.32
N PHE A 455 7.62 7.55 7.07
CA PHE A 455 8.25 6.83 5.98
C PHE A 455 8.21 7.66 4.70
N ILE A 456 9.04 7.23 3.75
CA ILE A 456 8.85 7.51 2.33
C ILE A 456 8.69 6.16 1.64
N ASN A 457 7.98 6.17 0.53
CA ASN A 457 7.70 4.95 -0.20
C ASN A 457 7.57 5.30 -1.68
N THR A 458 8.10 4.44 -2.56
CA THR A 458 8.00 4.69 -4.00
C THR A 458 6.68 4.10 -4.50
N GLY A 459 5.67 4.95 -4.68
CA GLY A 459 4.45 4.44 -5.28
C GLY A 459 4.57 4.43 -6.80
N PHE A 460 5.33 3.46 -7.32
CA PHE A 460 5.77 3.49 -8.72
C PHE A 460 4.61 3.51 -9.71
N LEU A 461 3.47 2.92 -9.34
CA LEU A 461 2.37 2.90 -10.30
C LEU A 461 1.87 4.31 -10.55
N ASP A 462 1.43 5.02 -9.48
CA ASP A 462 1.10 6.44 -9.64
C ASP A 462 2.27 7.18 -10.29
N ARG A 463 3.50 6.91 -9.83
CA ARG A 463 4.66 7.61 -10.35
C ARG A 463 4.78 7.42 -11.86
N THR A 464 4.36 6.25 -12.35
CA THR A 464 4.39 6.02 -13.78
C THR A 464 3.27 6.75 -14.49
N GLY A 465 2.10 6.83 -13.88
CA GLY A 465 1.03 7.66 -14.44
C GLY A 465 1.42 9.13 -14.51
N ASP A 466 2.09 9.64 -13.47
CA ASP A 466 2.50 11.04 -13.51
C ASP A 466 3.63 11.26 -14.50
N GLU A 467 4.44 10.23 -14.76
CA GLU A 467 5.47 10.37 -15.78
C GLU A 467 4.83 10.54 -17.14
N ILE A 468 3.83 9.71 -17.45
CA ILE A 468 3.18 9.80 -18.75
C ILE A 468 2.45 11.14 -18.90
N HIS A 469 1.72 11.57 -17.87
CA HIS A 469 0.93 12.78 -18.05
C HIS A 469 1.82 14.01 -18.16
N THR A 470 2.79 14.14 -17.26
CA THR A 470 3.67 15.30 -17.27
C THR A 470 4.26 15.54 -18.65
N SER A 471 4.73 14.47 -19.29
CA SER A 471 5.37 14.57 -20.59
C SER A 471 4.42 14.18 -21.73
N MET A 472 3.12 14.34 -21.50
CA MET A 472 2.11 13.94 -22.48
C MET A 472 2.34 14.56 -23.86
N GLU A 473 2.89 15.78 -23.91
CA GLU A 473 3.04 16.49 -25.18
C GLU A 473 4.35 16.18 -25.90
N ALA A 474 5.33 15.55 -25.24
CA ALA A 474 6.65 15.40 -25.85
C ALA A 474 6.70 14.31 -26.91
N GLY A 475 5.80 13.34 -26.87
CA GLY A 475 5.79 12.29 -27.87
C GLY A 475 5.18 10.97 -27.41
N PRO A 476 5.23 9.96 -28.28
CA PRO A 476 4.77 8.63 -27.87
C PRO A 476 5.66 8.04 -26.80
N MET A 477 5.04 7.37 -25.83
CA MET A 477 5.76 6.71 -24.75
C MET A 477 5.99 5.24 -25.09
N VAL A 478 6.98 4.64 -24.40
CA VAL A 478 7.19 3.20 -24.52
C VAL A 478 5.96 2.48 -23.97
N ARG A 479 5.83 1.21 -24.36
CA ARG A 479 4.72 0.41 -23.89
C ARG A 479 4.75 0.32 -22.37
N LYS A 480 3.57 0.04 -21.80
CA LYS A 480 3.44 -0.11 -20.36
C LYS A 480 4.47 -1.09 -19.79
N GLY A 481 4.57 -2.27 -20.42
CA GLY A 481 5.49 -3.29 -19.95
C GLY A 481 6.94 -2.91 -20.02
N THR A 482 7.28 -1.85 -20.75
CA THR A 482 8.64 -1.35 -20.88
C THR A 482 9.00 -0.32 -19.80
N MET A 483 8.00 0.24 -19.12
CA MET A 483 8.26 1.29 -18.13
C MET A 483 9.18 0.80 -17.03
N LYS A 484 8.98 -0.46 -16.57
CA LYS A 484 9.67 -1.03 -15.42
C LYS A 484 11.19 -0.94 -15.52
N SER A 485 11.74 -0.86 -16.73
CA SER A 485 13.17 -0.90 -16.93
C SER A 485 13.68 0.37 -17.58
N GLN A 486 12.84 1.41 -17.69
CA GLN A 486 13.29 2.71 -18.18
C GLN A 486 14.24 3.37 -17.16
N PRO A 487 15.21 4.13 -17.64
CA PRO A 487 16.17 4.76 -16.71
C PRO A 487 15.55 5.70 -15.68
N TRP A 488 14.46 6.41 -16.01
CA TRP A 488 13.89 7.36 -15.05
C TRP A 488 13.44 6.65 -13.78
N ILE A 489 12.90 5.43 -13.91
CA ILE A 489 12.32 4.73 -12.77
C ILE A 489 13.42 4.05 -11.96
N LEU A 490 14.42 3.50 -12.64
CA LEU A 490 15.56 2.96 -11.90
C LEU A 490 16.24 4.07 -11.11
N ALA A 491 16.37 5.26 -11.69
CA ALA A 491 16.93 6.38 -10.94
C ALA A 491 16.04 6.74 -9.76
N TYR A 492 14.73 6.83 -10.02
CA TYR A 492 13.77 7.22 -8.98
C TYR A 492 13.83 6.28 -7.78
N GLU A 493 13.93 4.98 -8.01
CA GLU A 493 13.94 4.03 -6.89
C GLU A 493 15.22 4.18 -6.06
N ASP A 494 16.35 4.40 -6.71
CA ASP A 494 17.58 4.58 -5.97
C ASP A 494 17.61 5.94 -5.28
N HIS A 495 17.22 6.98 -6.02
CA HIS A 495 17.22 8.33 -5.45
C HIS A 495 16.35 8.42 -4.20
N ASN A 496 15.27 7.63 -4.15
CA ASN A 496 14.41 7.60 -2.97
C ASN A 496 15.12 6.98 -1.76
N VAL A 497 15.92 5.93 -1.98
CA VAL A 497 16.66 5.33 -0.89
C VAL A 497 17.74 6.29 -0.39
N ASP A 498 18.49 6.88 -1.32
CA ASP A 498 19.54 7.82 -0.94
C ASP A 498 19.00 8.94 -0.08
N ALA A 499 17.90 9.57 -0.52
CA ALA A 499 17.32 10.65 0.25
C ALA A 499 16.82 10.15 1.61
N GLY A 500 16.24 8.97 1.66
CA GLY A 500 15.85 8.40 2.94
C GLY A 500 17.02 8.21 3.88
N LEU A 501 18.05 7.48 3.42
CA LEU A 501 19.17 7.20 4.30
C LEU A 501 19.87 8.48 4.71
N ALA A 502 19.94 9.46 3.82
CA ALA A 502 20.68 10.68 4.11
C ALA A 502 19.92 11.59 5.07
N ALA A 503 18.61 11.44 5.19
CA ALA A 503 17.87 12.17 6.20
C ALA A 503 17.82 11.40 7.51
N GLY A 504 18.64 10.36 7.64
CA GLY A 504 18.75 9.60 8.87
C GLY A 504 17.63 8.61 9.10
N PHE A 505 17.08 8.04 8.01
CA PHE A 505 15.95 7.13 8.17
C PHE A 505 16.33 5.83 8.87
N SER A 506 17.59 5.40 8.76
CA SER A 506 17.97 4.15 9.43
C SER A 506 17.73 4.30 10.93
N GLY A 507 16.98 3.35 11.48
CA GLY A 507 16.59 3.39 12.87
C GLY A 507 15.50 4.39 13.19
N ARG A 508 15.02 5.17 12.22
CA ARG A 508 14.06 6.21 12.52
C ARG A 508 12.74 6.08 11.78
N ALA A 509 12.77 5.78 10.48
CA ALA A 509 11.58 5.78 9.65
C ALA A 509 11.77 4.76 8.53
N GLN A 510 10.65 4.26 8.00
CA GLN A 510 10.68 3.22 6.97
C GLN A 510 11.13 3.76 5.62
N VAL A 511 11.97 3.00 4.91
CA VAL A 511 12.28 3.23 3.51
C VAL A 511 11.58 2.13 2.73
N GLY A 512 10.51 2.48 2.02
CA GLY A 512 9.55 1.51 1.53
C GLY A 512 9.43 1.50 0.02
N LYS A 513 9.18 0.34 -0.54
CA LYS A 513 8.99 0.22 -1.99
C LYS A 513 7.65 -0.44 -2.28
N GLY A 514 7.35 -0.67 -3.56
CA GLY A 514 5.99 -0.78 -4.05
C GLY A 514 5.39 -2.18 -4.12
N MET A 515 4.24 -2.24 -4.77
CA MET A 515 3.27 -3.33 -4.59
C MET A 515 3.47 -4.45 -5.61
N TRP A 516 3.34 -5.69 -5.15
CA TRP A 516 3.30 -6.85 -6.04
C TRP A 516 1.85 -7.08 -6.42
N THR A 517 1.54 -6.88 -7.70
CA THR A 517 0.17 -6.92 -8.19
C THR A 517 -0.28 -8.30 -8.67
N MET A 518 0.65 -9.23 -8.91
CA MET A 518 0.31 -10.52 -9.51
C MET A 518 -0.10 -11.49 -8.42
N THR A 519 -1.40 -11.49 -8.11
CA THR A 519 -1.86 -12.07 -6.85
C THR A 519 -1.72 -13.59 -6.80
N GLU A 520 -1.58 -14.27 -7.95
CA GLU A 520 -1.45 -15.72 -7.92
CA GLU A 520 -1.46 -15.73 -8.02
C GLU A 520 -0.04 -16.21 -8.29
N LEU A 521 0.89 -15.31 -8.60
CA LEU A 521 2.24 -15.71 -8.97
C LEU A 521 3.18 -15.54 -7.77
N MET A 522 2.99 -16.43 -6.78
CA MET A 522 3.79 -16.34 -5.56
C MET A 522 5.17 -16.95 -5.72
N ALA A 523 5.33 -17.97 -6.55
CA ALA A 523 6.67 -18.41 -6.92
C ALA A 523 7.48 -17.23 -7.44
N ASP A 524 6.88 -16.44 -8.33
CA ASP A 524 7.58 -15.31 -8.92
C ASP A 524 7.88 -14.26 -7.87
N MET A 525 6.88 -13.92 -7.05
CA MET A 525 7.11 -12.94 -6.02
C MET A 525 8.27 -13.36 -5.12
N VAL A 526 8.32 -14.63 -4.73
CA VAL A 526 9.37 -15.07 -3.82
C VAL A 526 10.71 -14.99 -4.52
N GLU A 527 10.75 -15.25 -5.84
CA GLU A 527 11.99 -15.26 -6.61
C GLU A 527 12.50 -13.85 -6.92
N THR A 528 11.61 -12.91 -7.21
CA THR A 528 12.07 -11.61 -7.69
C THR A 528 11.95 -10.48 -6.68
N LYS A 529 10.93 -10.44 -5.80
CA LYS A 529 10.72 -9.30 -4.92
C LYS A 529 11.78 -9.15 -3.84
N ILE A 530 12.70 -10.12 -3.70
CA ILE A 530 13.86 -9.95 -2.81
C ILE A 530 14.70 -8.76 -3.23
N ALA A 531 14.55 -8.31 -4.47
CA ALA A 531 15.29 -7.14 -4.96
C ALA A 531 15.04 -5.93 -4.09
N GLN A 532 13.84 -5.83 -3.49
CA GLN A 532 13.52 -4.64 -2.70
C GLN A 532 14.35 -4.56 -1.42
N PRO A 533 14.39 -5.58 -0.54
CA PRO A 533 15.30 -5.46 0.61
C PRO A 533 16.76 -5.42 0.21
N ARG A 534 17.15 -6.14 -0.84
CA ARG A 534 18.52 -6.02 -1.36
C ARG A 534 18.85 -4.60 -1.82
N ALA A 535 17.82 -3.76 -2.02
CA ALA A 535 18.01 -2.37 -2.41
C ALA A 535 17.91 -1.42 -1.23
N GLY A 536 17.97 -1.95 -0.01
CA GLY A 536 17.99 -1.11 1.17
C GLY A 536 16.64 -0.68 1.71
N ALA A 537 15.54 -1.28 1.23
CA ALA A 537 14.21 -0.92 1.68
C ALA A 537 13.88 -1.70 2.95
N SER A 538 13.51 -0.98 4.01
CA SER A 538 13.12 -1.64 5.24
C SER A 538 11.66 -2.06 5.26
N THR A 539 10.93 -1.89 4.14
CA THR A 539 9.59 -2.42 3.98
C THR A 539 9.16 -2.33 2.53
N ALA A 540 8.15 -3.13 2.18
CA ALA A 540 7.59 -3.09 0.83
C ALA A 540 6.20 -3.69 0.87
N TRP A 541 5.41 -3.46 -0.19
CA TRP A 541 3.96 -3.60 -0.16
C TRP A 541 3.51 -4.95 -0.70
N VAL A 542 2.63 -5.60 0.04
CA VAL A 542 2.04 -6.87 -0.39
C VAL A 542 0.52 -6.73 -0.31
N PRO A 543 -0.21 -7.49 -1.10
CA PRO A 543 -1.68 -7.30 -1.21
C PRO A 543 -2.51 -8.31 -0.45
N SER A 544 -1.91 -9.27 0.23
CA SER A 544 -2.69 -10.22 1.00
C SER A 544 -1.87 -10.69 2.19
N PRO A 545 -2.52 -11.18 3.25
CA PRO A 545 -1.76 -11.83 4.32
C PRO A 545 -0.88 -12.98 3.84
N THR A 546 -1.37 -13.77 2.88
CA THR A 546 -0.55 -14.84 2.33
C THR A 546 0.72 -14.30 1.70
N ALA A 547 0.59 -13.23 0.91
CA ALA A 547 1.76 -12.62 0.29
C ALA A 547 2.65 -11.97 1.33
N ALA A 548 2.07 -11.45 2.42
CA ALA A 548 2.90 -10.93 3.49
C ALA A 548 3.78 -12.04 4.08
N THR A 549 3.24 -13.24 4.23
CA THR A 549 3.99 -14.36 4.81
C THR A 549 5.15 -14.78 3.91
N LEU A 550 4.89 -14.93 2.61
CA LEU A 550 5.95 -15.31 1.69
C LEU A 550 6.97 -14.20 1.51
N HIS A 551 6.58 -12.95 1.74
CA HIS A 551 7.52 -11.85 1.57
C HIS A 551 8.43 -11.72 2.79
N ALA A 552 8.00 -12.25 3.94
CA ALA A 552 8.85 -12.24 5.13
C ALA A 552 10.13 -13.04 4.91
N LEU A 553 10.05 -14.13 4.17
CA LEU A 553 11.24 -14.89 3.80
C LEU A 553 12.39 -13.97 3.36
N HIS A 554 12.08 -12.94 2.57
CA HIS A 554 13.14 -12.09 2.03
C HIS A 554 13.88 -11.34 3.11
N TYR A 555 13.17 -10.96 4.18
CA TYR A 555 13.81 -10.22 5.25
C TYR A 555 14.65 -11.13 6.14
N HIS A 556 14.41 -12.43 6.11
CA HIS A 556 15.30 -13.36 6.81
C HIS A 556 16.56 -13.65 6.02
N GLN A 557 16.51 -13.47 4.69
CA GLN A 557 17.67 -13.69 3.85
C GLN A 557 18.46 -12.44 3.59
N VAL A 558 17.85 -11.27 3.75
CA VAL A 558 18.52 -10.00 3.53
C VAL A 558 18.62 -9.26 4.85
N ASP A 559 19.83 -8.83 5.19
CA ASP A 559 20.11 -8.03 6.39
C ASP A 559 19.95 -6.58 5.96
N VAL A 560 18.71 -6.09 6.04
CA VAL A 560 18.42 -4.74 5.55
C VAL A 560 19.24 -3.71 6.32
N ALA A 561 19.45 -3.96 7.61
CA ALA A 561 20.25 -3.04 8.41
C ALA A 561 21.66 -2.92 7.84
N ALA A 562 22.29 -4.05 7.54
CA ALA A 562 23.60 -4.03 6.92
C ALA A 562 23.52 -3.36 5.56
N VAL A 563 22.54 -3.76 4.73
CA VAL A 563 22.42 -3.21 3.38
C VAL A 563 22.38 -1.69 3.43
N GLN A 564 21.53 -1.14 4.29
CA GLN A 564 21.44 0.31 4.45
C GLN A 564 22.77 0.91 4.89
N GLN A 565 23.45 0.27 5.84
CA GLN A 565 24.73 0.79 6.33
C GLN A 565 25.72 0.94 5.19
N GLY A 566 25.78 -0.04 4.28
CA GLY A 566 26.69 0.04 3.15
C GLY A 566 26.35 1.10 2.13
N LEU A 567 25.09 1.53 2.11
CA LEU A 567 24.60 2.50 1.12
C LEU A 567 24.66 3.93 1.62
N ALA A 568 25.04 4.16 2.87
CA ALA A 568 25.03 5.52 3.40
C ALA A 568 26.05 6.38 2.67
N GLY A 569 25.64 7.58 2.29
CA GLY A 569 26.54 8.51 1.64
C GLY A 569 26.64 8.35 0.14
N LYS A 570 26.08 7.29 -0.42
CA LYS A 570 25.97 7.20 -1.87
C LYS A 570 24.97 8.23 -2.38
N ARG A 571 25.24 8.77 -3.56
CA ARG A 571 24.24 9.49 -4.34
C ARG A 571 24.32 8.91 -5.75
N ARG A 572 23.37 8.02 -6.03
CA ARG A 572 23.43 7.08 -7.12
C ARG A 572 22.58 7.47 -8.32
N ALA A 573 21.78 8.52 -8.22
CA ALA A 573 20.97 9.03 -9.33
C ALA A 573 21.18 10.53 -9.51
N THR A 574 21.36 10.96 -10.75
CA THR A 574 21.43 12.40 -11.00
C THR A 574 20.06 12.95 -11.33
N ILE A 575 19.95 14.27 -11.28
CA ILE A 575 18.72 14.92 -11.69
C ILE A 575 18.47 14.70 -13.18
N GLU A 576 19.55 14.54 -13.96
CA GLU A 576 19.38 14.25 -15.38
C GLU A 576 18.74 12.89 -15.59
N GLN A 577 19.22 11.87 -14.87
CA GLN A 577 18.62 10.55 -15.00
C GLN A 577 17.17 10.57 -14.56
N LEU A 578 16.86 11.27 -13.46
CA LEU A 578 15.50 11.35 -12.97
C LEU A 578 14.56 11.97 -14.01
N LEU A 579 15.06 12.92 -14.79
CA LEU A 579 14.30 13.65 -15.80
C LEU A 579 14.34 13.00 -17.18
N THR A 580 14.79 11.76 -17.29
CA THR A 580 14.90 11.11 -18.60
C THR A 580 13.53 10.60 -19.02
N ILE A 581 12.90 11.30 -19.95
CA ILE A 581 11.51 10.99 -20.30
C ILE A 581 11.44 9.69 -21.10
N PRO A 582 10.52 8.75 -20.79
CA PRO A 582 10.48 7.44 -21.47
C PRO A 582 9.87 7.45 -22.88
N LEU A 583 10.36 8.36 -23.73
CA LEU A 583 9.91 8.42 -25.12
C LEU A 583 10.22 7.14 -25.87
N ALA A 584 9.28 6.71 -26.72
CA ALA A 584 9.52 5.58 -27.58
C ALA A 584 10.43 6.00 -28.73
N LYS A 585 11.40 5.15 -29.06
CA LYS A 585 12.24 5.44 -30.23
C LYS A 585 11.50 5.11 -31.51
N GLU A 586 11.94 5.78 -32.57
CA GLU A 586 11.13 5.95 -33.77
C GLU A 586 10.70 4.60 -34.34
N LEU A 587 9.38 4.43 -34.43
CA LEU A 587 8.77 3.35 -35.21
C LEU A 587 9.15 1.98 -34.64
N ALA A 588 9.05 1.87 -33.32
CA ALA A 588 9.51 0.69 -32.62
C ALA A 588 8.55 -0.49 -32.73
N TRP A 589 7.38 -0.33 -33.34
CA TRP A 589 6.34 -1.34 -33.17
C TRP A 589 5.71 -1.78 -34.48
N ALA A 590 5.55 -3.10 -34.58
CA ALA A 590 4.78 -3.71 -35.65
C ALA A 590 3.30 -3.52 -35.39
N PRO A 591 2.45 -3.75 -36.40
CA PRO A 591 1.00 -3.61 -36.16
C PRO A 591 0.48 -4.49 -35.04
N ASP A 592 0.96 -5.73 -34.94
CA ASP A 592 0.42 -6.65 -33.94
C ASP A 592 0.83 -6.26 -32.52
N GLU A 593 2.02 -5.64 -32.35
CA GLU A 593 2.42 -5.22 -31.01
C GLU A 593 1.59 -4.03 -30.52
N ILE A 594 1.33 -3.07 -31.40
CA ILE A 594 0.46 -1.95 -31.05
C ILE A 594 -0.92 -2.47 -30.66
N ARG A 595 -1.45 -3.40 -31.45
CA ARG A 595 -2.77 -3.94 -31.19
C ARG A 595 -2.83 -4.58 -29.80
N GLU A 596 -1.79 -5.34 -29.45
CA GLU A 596 -1.77 -6.02 -28.16
C GLU A 596 -1.79 -5.01 -27.02
N GLU A 597 -0.95 -3.98 -27.11
CA GLU A 597 -0.95 -2.94 -26.08
C GLU A 597 -2.33 -2.35 -25.93
N VAL A 598 -2.93 -1.92 -27.05
CA VAL A 598 -4.28 -1.35 -27.02
C VAL A 598 -5.26 -2.33 -26.40
N ASP A 599 -5.32 -3.55 -26.94
CA ASP A 599 -6.27 -4.54 -26.43
C ASP A 599 -6.07 -4.76 -24.95
N ASN A 600 -4.83 -5.02 -24.54
CA ASN A 600 -4.54 -5.28 -23.13
C ASN A 600 -4.94 -4.08 -22.27
N ASN A 601 -4.53 -2.88 -22.69
CA ASN A 601 -4.87 -1.73 -21.89
C ASN A 601 -6.38 -1.59 -21.72
N CYS A 602 -7.14 -1.82 -22.79
CA CYS A 602 -8.59 -1.67 -22.74
C CYS A 602 -9.24 -2.74 -21.85
N GLN A 603 -8.73 -3.98 -21.92
CA GLN A 603 -9.28 -5.03 -21.06
C GLN A 603 -9.12 -4.68 -19.59
N SER A 604 -7.92 -4.30 -19.19
CA SER A 604 -7.69 -4.03 -17.77
C SER A 604 -8.48 -2.82 -17.33
N ILE A 605 -8.51 -1.76 -18.15
CA ILE A 605 -9.36 -0.61 -17.85
C ILE A 605 -10.80 -1.04 -17.67
N LEU A 606 -11.35 -1.71 -18.69
CA LEU A 606 -12.75 -2.12 -18.66
C LEU A 606 -13.03 -3.03 -17.46
N GLY A 607 -12.15 -3.99 -17.18
CA GLY A 607 -12.41 -4.90 -16.08
C GLY A 607 -12.47 -4.19 -14.73
N TYR A 608 -11.59 -3.22 -14.52
CA TYR A 608 -11.55 -2.50 -13.24
C TYR A 608 -12.72 -1.53 -13.11
N VAL A 609 -12.93 -0.72 -14.15
CA VAL A 609 -13.95 0.33 -14.15
C VAL A 609 -15.35 -0.25 -13.95
N VAL A 610 -15.62 -1.41 -14.56
CA VAL A 610 -17.00 -1.92 -14.54
C VAL A 610 -17.42 -2.27 -13.12
N ARG A 611 -16.50 -2.81 -12.30
CA ARG A 611 -16.86 -3.12 -10.93
C ARG A 611 -16.77 -1.90 -10.05
N TRP A 612 -15.94 -0.93 -10.45
CA TRP A 612 -15.89 0.36 -9.79
C TRP A 612 -17.23 1.07 -9.90
N VAL A 613 -17.69 1.28 -11.14
CA VAL A 613 -18.89 2.09 -11.39
C VAL A 613 -20.17 1.34 -11.02
N ASP A 614 -20.23 0.04 -11.32
CA ASP A 614 -21.47 -0.71 -11.12
C ASP A 614 -21.64 -1.28 -9.72
N GLN A 615 -20.55 -1.64 -9.03
CA GLN A 615 -20.66 -2.29 -7.73
C GLN A 615 -19.91 -1.56 -6.61
N GLY A 616 -19.27 -0.43 -6.91
CA GLY A 616 -18.52 0.29 -5.91
C GLY A 616 -17.30 -0.42 -5.37
N VAL A 617 -16.72 -1.35 -6.12
CA VAL A 617 -15.50 -2.08 -5.72
C VAL A 617 -14.30 -1.34 -6.31
N GLY A 618 -13.41 -0.87 -5.43
CA GLY A 618 -12.28 -0.09 -5.88
C GLY A 618 -10.98 -0.84 -6.09
N ALA A 619 -10.96 -2.14 -5.82
CA ALA A 619 -9.78 -2.98 -6.05
C ALA A 619 -10.27 -4.34 -6.52
N SER A 620 -9.93 -4.70 -7.76
CA SER A 620 -10.40 -5.93 -8.37
C SER A 620 -9.23 -6.70 -8.99
N LYS A 621 -9.25 -8.02 -8.81
CA LYS A 621 -8.39 -8.92 -9.56
C LYS A 621 -8.91 -9.01 -11.00
N VAL A 622 -8.14 -8.51 -11.97
CA VAL A 622 -8.56 -8.50 -13.36
C VAL A 622 -7.54 -9.30 -14.17
N PRO A 623 -7.92 -10.40 -14.82
CA PRO A 623 -6.97 -11.07 -15.70
C PRO A 623 -6.62 -10.16 -16.87
N ASP A 624 -5.43 -10.34 -17.43
CA ASP A 624 -5.02 -9.51 -18.56
C ASP A 624 -5.01 -10.34 -19.85
N ILE A 625 -4.43 -9.77 -20.91
CA ILE A 625 -4.40 -10.40 -22.23
C ILE A 625 -3.58 -11.69 -22.23
N HIS A 626 -2.64 -11.85 -21.29
CA HIS A 626 -1.94 -13.10 -21.08
C HIS A 626 -2.54 -13.90 -19.93
N ASP A 627 -3.76 -13.55 -19.50
CA ASP A 627 -4.49 -14.22 -18.44
C ASP A 627 -3.81 -14.17 -17.07
N VAL A 628 -2.83 -13.27 -16.88
CA VAL A 628 -2.26 -13.07 -15.57
C VAL A 628 -3.25 -12.29 -14.71
N ALA A 629 -3.57 -12.84 -13.53
CA ALA A 629 -4.45 -12.15 -12.59
C ALA A 629 -3.70 -10.98 -11.96
N LEU A 630 -4.22 -9.76 -12.14
CA LEU A 630 -3.59 -8.55 -11.61
C LEU A 630 -4.54 -7.89 -10.62
N MET A 631 -4.01 -7.50 -9.48
CA MET A 631 -4.77 -6.68 -8.53
C MET A 631 -4.71 -5.24 -9.03
N GLU A 632 -5.83 -4.75 -9.53
CA GLU A 632 -5.92 -3.41 -10.10
C GLU A 632 -6.48 -2.43 -9.07
N ASP A 633 -5.85 -1.25 -8.98
CA ASP A 633 -6.52 -0.11 -8.33
C ASP A 633 -6.39 1.15 -9.19
N ARG A 634 -6.74 2.33 -8.67
CA ARG A 634 -6.76 3.52 -9.51
C ARG A 634 -5.40 3.84 -10.11
N ALA A 635 -4.30 3.43 -9.46
CA ALA A 635 -2.99 3.76 -9.99
C ALA A 635 -2.73 3.01 -11.28
N THR A 636 -2.99 1.70 -11.28
CA THR A 636 -2.80 0.92 -12.49
C THR A 636 -3.77 1.36 -13.58
N LEU A 637 -4.97 1.80 -13.19
CA LEU A 637 -5.87 2.42 -14.16
C LEU A 637 -5.31 3.74 -14.64
N ARG A 638 -4.62 4.47 -13.76
CA ARG A 638 -4.07 5.75 -14.17
C ARG A 638 -2.97 5.57 -15.23
N ILE A 639 -2.26 4.45 -15.20
CA ILE A 639 -1.23 4.19 -16.19
C ILE A 639 -1.87 3.83 -17.53
N SER A 640 -2.78 2.86 -17.53
CA SER A 640 -3.34 2.35 -18.77
C SER A 640 -4.14 3.43 -19.50
N SER A 641 -4.92 4.20 -18.75
CA SER A 641 -5.68 5.28 -19.37
C SER A 641 -4.76 6.35 -19.90
N GLN A 642 -3.75 6.75 -19.13
CA GLN A 642 -2.84 7.79 -19.59
C GLN A 642 -2.04 7.34 -20.80
N LEU A 643 -1.62 6.08 -20.83
CA LEU A 643 -0.81 5.61 -21.95
C LEU A 643 -1.61 5.64 -23.25
N LEU A 644 -2.81 5.04 -23.26
CA LEU A 644 -3.60 5.07 -24.48
C LEU A 644 -3.94 6.50 -24.89
N ALA A 645 -4.09 7.41 -23.92
CA ALA A 645 -4.34 8.81 -24.26
C ALA A 645 -3.11 9.44 -24.92
N ASN A 646 -1.93 9.00 -24.51
CA ASN A 646 -0.69 9.48 -25.12
C ASN A 646 -0.50 8.92 -26.53
N TRP A 647 -0.78 7.62 -26.72
CA TRP A 647 -0.70 7.05 -28.06
C TRP A 647 -1.73 7.68 -28.99
N LEU A 648 -2.94 7.92 -28.47
CA LEU A 648 -3.96 8.58 -29.29
C LEU A 648 -3.57 10.03 -29.58
N ARG A 649 -2.95 10.71 -28.62
CA ARG A 649 -2.56 12.09 -28.79
C ARG A 649 -1.51 12.27 -29.88
N HIS A 650 -0.67 11.25 -30.12
CA HIS A 650 0.44 11.36 -31.04
C HIS A 650 0.30 10.46 -32.27
N GLY A 651 -0.90 9.97 -32.56
CA GLY A 651 -1.13 9.29 -33.81
C GLY A 651 -0.70 7.84 -33.86
N VAL A 652 -0.30 7.24 -32.74
CA VAL A 652 0.09 5.84 -32.77
C VAL A 652 -1.13 4.97 -33.06
N ILE A 653 -2.29 5.39 -32.59
CA ILE A 653 -3.54 4.70 -32.83
C ILE A 653 -4.57 5.76 -33.17
N THR A 654 -5.67 5.32 -33.77
CA THR A 654 -6.77 6.21 -34.09
C THR A 654 -7.88 6.05 -33.07
N SER A 655 -8.84 6.98 -33.13
CA SER A 655 -10.04 6.86 -32.30
C SER A 655 -10.88 5.66 -32.72
N ALA A 656 -10.78 5.23 -33.99
CA ALA A 656 -11.46 4.00 -34.37
C ALA A 656 -10.86 2.82 -33.65
N ASP A 657 -9.53 2.79 -33.52
CA ASP A 657 -8.87 1.68 -32.85
C ASP A 657 -9.34 1.54 -31.41
N VAL A 658 -9.37 2.64 -30.67
CA VAL A 658 -9.71 2.53 -29.26
C VAL A 658 -11.16 2.08 -29.11
N ARG A 659 -12.07 2.70 -29.86
CA ARG A 659 -13.46 2.29 -29.79
C ARG A 659 -13.62 0.83 -30.22
N ALA A 660 -12.86 0.42 -31.24
CA ALA A 660 -12.91 -0.98 -31.66
C ALA A 660 -12.41 -1.88 -30.54
N SER A 661 -11.27 -1.54 -29.94
CA SER A 661 -10.69 -2.37 -28.90
C SER A 661 -11.60 -2.44 -27.68
N LEU A 662 -12.14 -1.29 -27.25
CA LEU A 662 -13.10 -1.29 -26.16
C LEU A 662 -14.29 -2.18 -26.46
N GLU A 663 -14.81 -2.14 -27.68
CA GLU A 663 -15.95 -2.99 -28.02
C GLU A 663 -15.55 -4.45 -28.06
N ARG A 664 -14.32 -4.73 -28.53
CA ARG A 664 -13.82 -6.10 -28.54
C ARG A 664 -13.70 -6.65 -27.13
N MET A 665 -13.01 -5.93 -26.25
CA MET A 665 -12.70 -6.47 -24.92
C MET A 665 -13.92 -6.51 -24.01
N ALA A 666 -14.90 -5.63 -24.24
CA ALA A 666 -16.04 -5.55 -23.33
C ALA A 666 -16.77 -6.88 -23.16
N PRO A 667 -17.17 -7.59 -24.21
CA PRO A 667 -17.85 -8.88 -23.95
C PRO A 667 -16.96 -9.86 -23.24
N LEU A 668 -15.65 -9.79 -23.47
CA LEU A 668 -14.76 -10.66 -22.74
C LEU A 668 -14.84 -10.37 -21.24
N VAL A 669 -14.93 -9.08 -20.89
CA VAL A 669 -15.07 -8.69 -19.48
C VAL A 669 -16.42 -9.13 -18.94
N ASP A 670 -17.50 -8.90 -19.71
CA ASP A 670 -18.82 -9.41 -19.33
C ASP A 670 -18.75 -10.90 -18.99
N ARG A 671 -18.00 -11.67 -19.78
CA ARG A 671 -18.02 -13.12 -19.60
C ARG A 671 -17.26 -13.53 -18.36
N GLN A 672 -16.16 -12.83 -18.05
CA GLN A 672 -15.37 -13.14 -16.87
C GLN A 672 -16.09 -12.86 -15.57
N ASN A 673 -17.30 -12.29 -15.60
CA ASN A 673 -18.04 -11.94 -14.38
C ASN A 673 -19.29 -12.81 -14.12
N VAL A 677 -21.07 -11.92 -9.96
CA VAL A 677 -22.08 -12.61 -10.75
C VAL A 677 -23.40 -11.82 -10.82
N ALA A 678 -23.85 -11.25 -9.69
CA ALA A 678 -25.01 -10.35 -9.69
C ALA A 678 -24.57 -9.05 -10.35
N TYR A 679 -24.45 -9.10 -11.68
CA TYR A 679 -23.65 -8.20 -12.49
C TYR A 679 -24.43 -7.85 -13.74
N ARG A 680 -24.15 -6.68 -14.31
CA ARG A 680 -24.88 -6.18 -15.48
C ARG A 680 -23.95 -6.03 -16.67
N PRO A 681 -24.23 -6.71 -17.80
CA PRO A 681 -23.31 -6.65 -18.96
C PRO A 681 -23.21 -5.26 -19.58
N MET A 682 -22.08 -5.02 -20.26
CA MET A 682 -21.86 -3.79 -21.00
C MET A 682 -22.21 -3.91 -22.48
N ALA A 683 -22.11 -5.05 -23.02
CA ALA A 683 -22.46 -5.39 -24.38
C ALA A 683 -23.90 -5.93 -24.43
N PRO A 684 -24.62 -5.72 -25.54
CA PRO A 684 -24.12 -5.03 -26.74
C PRO A 684 -24.41 -3.53 -26.77
N ASN A 685 -25.11 -3.01 -25.77
CA ASN A 685 -25.60 -1.63 -25.83
C ASN A 685 -24.63 -0.67 -25.13
N PHE A 686 -23.42 -0.62 -25.67
CA PHE A 686 -22.34 0.10 -25.03
C PHE A 686 -22.76 1.50 -24.60
N ASP A 687 -23.50 2.20 -25.46
CA ASP A 687 -23.89 3.56 -25.15
C ASP A 687 -24.92 3.63 -24.03
N ASP A 688 -25.50 2.49 -23.62
CA ASP A 688 -26.40 2.44 -22.48
C ASP A 688 -25.63 2.27 -21.16
N SER A 689 -24.43 1.69 -21.21
CA SER A 689 -23.70 1.29 -20.02
C SER A 689 -22.87 2.44 -19.46
N ILE A 690 -23.22 2.90 -18.25
CA ILE A 690 -22.43 3.93 -17.59
C ILE A 690 -21.00 3.46 -17.37
N ALA A 691 -20.82 2.18 -17.05
CA ALA A 691 -19.47 1.64 -16.88
C ALA A 691 -18.65 1.75 -18.17
N PHE A 692 -19.25 1.37 -19.31
CA PHE A 692 -18.57 1.50 -20.60
C PHE A 692 -18.20 2.95 -20.90
N LEU A 693 -19.15 3.88 -20.70
CA LEU A 693 -18.87 5.27 -21.03
C LEU A 693 -17.77 5.84 -20.13
N ALA A 694 -17.81 5.55 -18.84
CA ALA A 694 -16.73 5.95 -17.95
C ALA A 694 -15.38 5.47 -18.49
N ALA A 695 -15.29 4.19 -18.84
CA ALA A 695 -14.06 3.63 -19.42
C ALA A 695 -13.64 4.41 -20.66
N GLN A 696 -14.57 4.60 -21.58
CA GLN A 696 -14.26 5.38 -22.78
C GLN A 696 -13.73 6.77 -22.43
N GLU A 697 -14.32 7.40 -21.40
CA GLU A 697 -13.96 8.78 -21.08
C GLU A 697 -12.54 8.86 -20.51
N LEU A 698 -12.21 7.97 -19.59
CA LEU A 698 -10.85 7.91 -19.04
C LEU A 698 -9.80 7.98 -20.14
N ILE A 699 -10.04 7.33 -21.28
CA ILE A 699 -9.12 7.35 -22.41
C ILE A 699 -9.24 8.63 -23.23
N LEU A 700 -10.39 8.81 -23.90
CA LEU A 700 -10.56 9.94 -24.81
C LEU A 700 -10.45 11.29 -24.11
N SER A 701 -10.76 11.36 -22.82
CA SER A 701 -10.57 12.59 -22.05
C SER A 701 -9.29 12.59 -21.25
N GLY A 702 -8.46 11.55 -21.39
CA GLY A 702 -7.37 11.34 -20.46
C GLY A 702 -6.39 12.50 -20.38
N ALA A 703 -6.04 13.09 -21.54
CA ALA A 703 -5.04 14.15 -21.54
C ALA A 703 -5.52 15.39 -20.81
N GLN A 704 -6.82 15.52 -20.56
CA GLN A 704 -7.35 16.70 -19.91
C GLN A 704 -7.65 16.48 -18.44
N GLN A 705 -7.40 15.27 -17.91
CA GLN A 705 -7.55 15.11 -16.46
C GLN A 705 -6.36 15.73 -15.75
N PRO A 706 -6.59 16.43 -14.64
CA PRO A 706 -5.46 17.04 -13.92
C PRO A 706 -4.46 15.97 -13.51
N ASN A 707 -3.24 16.10 -14.03
CA ASN A 707 -2.16 15.15 -13.75
C ASN A 707 -2.56 13.72 -14.06
N GLY A 708 -3.53 13.55 -14.97
CA GLY A 708 -4.02 12.24 -15.36
C GLY A 708 -4.81 11.51 -14.30
N TYR A 709 -5.23 12.19 -13.22
CA TYR A 709 -5.94 11.50 -12.15
C TYR A 709 -7.26 10.96 -12.67
N THR A 710 -7.62 9.76 -12.20
CA THR A 710 -8.85 9.12 -12.65
C THR A 710 -10.05 9.38 -11.74
N GLU A 711 -9.83 9.91 -10.54
CA GLU A 711 -10.96 10.12 -9.62
C GLU A 711 -12.06 10.99 -10.24
N PRO A 712 -11.77 12.14 -10.87
CA PRO A 712 -12.89 12.99 -11.32
C PRO A 712 -13.93 12.24 -12.14
N ILE A 713 -13.49 11.38 -13.05
CA ILE A 713 -14.43 10.63 -13.86
C ILE A 713 -15.04 9.48 -13.08
N LEU A 714 -14.24 8.77 -12.30
CA LEU A 714 -14.80 7.64 -11.57
C LEU A 714 -15.87 8.09 -10.60
N HIS A 715 -15.67 9.23 -9.95
CA HIS A 715 -16.64 9.68 -8.96
C HIS A 715 -17.95 10.07 -9.64
N ARG A 716 -17.85 10.92 -10.67
CA ARG A 716 -19.04 11.37 -11.39
C ARG A 716 -19.84 10.19 -11.94
N ARG A 717 -19.16 9.19 -12.51
CA ARG A 717 -19.86 8.06 -13.11
C ARG A 717 -20.38 7.07 -12.07
N ARG A 718 -19.70 6.96 -10.92
CA ARG A 718 -20.26 6.17 -9.83
C ARG A 718 -21.51 6.85 -9.29
N ARG A 719 -21.44 8.15 -9.01
CA ARG A 719 -22.62 8.90 -8.56
C ARG A 719 -23.73 8.84 -9.60
N GLU A 720 -23.37 8.90 -10.88
CA GLU A 720 -24.35 8.77 -11.95
C GLU A 720 -25.07 7.43 -11.90
N PHE A 721 -24.31 6.34 -11.70
CA PHE A 721 -24.92 5.03 -11.59
C PHE A 721 -25.80 4.90 -10.36
N LYS A 722 -25.35 5.45 -9.23
CA LYS A 722 -26.16 5.38 -8.01
C LYS A 722 -27.52 6.01 -8.21
N ALA A 723 -27.56 7.16 -8.90
CA ALA A 723 -28.82 7.86 -9.14
C ALA A 723 -29.73 7.07 -10.06
N ARG A 724 -29.16 6.45 -11.10
CA ARG A 724 -29.97 5.67 -12.03
CA ARG A 724 -29.95 5.65 -12.04
C ARG A 724 -30.51 4.41 -11.36
N ALA A 725 -29.72 3.78 -10.51
CA ALA A 725 -30.17 2.61 -9.77
C ALA A 725 -31.19 2.96 -8.71
N ALA A 726 -31.45 4.25 -8.47
CA ALA A 726 -32.45 4.69 -7.51
C ALA A 726 -33.72 5.25 -8.15
N GLU A 727 -33.76 5.37 -9.48
CA GLU A 727 -34.98 5.81 -10.16
C GLU A 727 -35.71 4.60 -10.75
MG MG B . -0.28 5.32 -5.29
C10 BQ4 C . -2.82 -0.95 -3.74
C10 BQ4 C . -1.52 -1.11 -5.74
C13 BQ4 C . -2.50 -2.19 -6.21
C13 BQ4 C . -3.52 -2.05 -4.08
C15 BQ4 C . -1.92 -0.93 -5.98
C15 BQ4 C . -2.81 -0.89 -3.74
C02 BQ4 C . 1.22 3.17 -6.22
C04 BQ4 C . 0.39 2.66 -5.03
C06 BQ4 C . -0.15 1.41 -4.98
C07 BQ4 C . -1.45 1.06 -4.52
C09 BQ4 C . -2.06 -0.29 -4.74
C09 BQ4 C . -1.80 -0.41 -4.57
C11 BQ4 C . -3.41 -2.22 -3.97
C11 BQ4 C . -2.24 -2.26 -6.08
C12 BQ4 C . -3.26 -2.86 -5.22
C12 BQ4 C . -3.24 -2.76 -5.25
O01 BQ4 C . 0.96 4.34 -6.58
O03 BQ4 C . 2.05 2.39 -6.71
O05 BQ4 C . -0.17 3.59 -4.22
O08 BQ4 C . -2.17 1.90 -3.94
O14 BQ4 C . -2.33 -2.78 -7.46
O14 BQ4 C . -4.52 -2.53 -3.25
NI NI D . 22.12 -12.21 9.34
C1 PEG E . 12.08 22.75 -26.44
O1 PEG E . 11.93 24.13 -26.22
C2 PEG E . 11.02 22.31 -27.44
O2 PEG E . 11.24 21.01 -27.90
C3 PEG E . 10.53 20.74 -29.08
C4 PEG E . 11.29 21.33 -30.28
O4 PEG E . 10.40 21.66 -31.30
C1 PEG F . -3.34 19.90 -19.11
O1 PEG F . -3.54 18.70 -18.35
C2 PEG F . -3.42 19.57 -20.61
O2 PEG F . -3.64 20.69 -21.44
C3 PEG F . -3.13 20.59 -22.76
C4 PEG F . -3.49 21.85 -23.55
O4 PEG F . -4.79 22.25 -23.19
C1 PEG G . 18.56 14.67 3.65
O1 PEG G . 19.82 14.41 4.25
C2 PEG G . 18.27 13.79 2.42
O2 PEG G . 19.06 14.16 1.31
C3 PEG G . 18.52 13.81 0.06
C4 PEG G . 19.54 13.96 -1.06
O4 PEG G . 20.67 13.18 -0.75
C1 PEG H . -23.91 13.10 0.68
O1 PEG H . -22.58 12.74 0.41
C2 PEG H . -24.90 12.14 0.00
O2 PEG H . -25.78 11.68 1.00
C3 PEG H . -26.39 10.42 0.81
C4 PEG H . -25.39 9.36 0.31
O4 PEG H . -24.27 9.34 1.15
#